data_9EXH
#
_entry.id   9EXH
#
_cell.length_a   1.00
_cell.length_b   1.00
_cell.length_c   1.00
_cell.angle_alpha   90.00
_cell.angle_beta   90.00
_cell.angle_gamma   90.00
#
_symmetry.space_group_name_H-M   'P 1'
#
_entity_poly.entity_id   1
_entity_poly.type   'polypeptide(L)'
_entity_poly.pdbx_seq_one_letter_code
;MNTNNIKKYAPQARNDFRDAVIQKLTTLGIAADKKGNLQIAEAETIGETVRYGQFDYPLSTLPRRERLVKRAREQGFEVL
VEHCAYTWFNRLCAIRYMELHGYLDHGFRMLSHPETPTAFEVLDHVPEVAEALLPESKAQLVEMKLSGNQDEALYRELLL
GQCHALHHAMPFLFEAVDDEAELLLPDNLTRTDSILRGLVDDIPEEDWEQVEVIGWLYQFYISEKKDAVIGKVVKSEDIP
AATQLFTPNWIVQYLVQNSVGRQWLQTYPDSPLKDKMEYYIEPAEQTPEVQAQLAAITPASIEPESIKVLDPACGSGHIL
TEAYNVLKAIYEERGYRTRDIPQLILENNIFGLDIDDRAAQLSGFAMLMLARQDDRRILGRGVRLNIVSLQESKLDIAEV
WTKLNFHQHMQRGSMGDMFTQGTALANTDSAEYKLLMRTLALFTSAKTLGSLIQVPQEDEAALKAFLERLYRLAVEGDIQ
QKEAAAELIPYIQQAWILAQRYDAVVANPPYMGGKGMNGDLKEFAKKQFPDSKSDLFAMFMQHAFSLLKENGFNAQVNMQ
SWMFLSSYEALRGWLLDNKTFITMAHLGARAFGQISGEVVQTTAWVIKNNHSGFYKPVFFRLVDDNEEHKKNNLLNRMNC
FKNTLQNDFKKIPGSPIAYWATLAFINSFLKLPALGTRAVKGLDTNGSIDVFLRRWPEVSINSFDALGKGNSKWFPIAKG
GELRKWFGNHEYIINYENDGIELRKNKANLRNKDMYFQEGGTWTVVSTTGFSMRYMPKGFLFDQGGSAVFCENNDELSIY
NILACMNSKYINYSASLICPTLNFTTGDVRKFPVIKNNHLEDLAKKAIEISKADWNQFETSWEFSKNKLIEHKGNVAYSY
ASYCNFQDKLYEQLVNIEKNINNIIEEILGFKIETTENSELITLNSNKIYRYGQSETNDTFLNRHRSDTISELISYSVGC
QMGRYSLDREGLVYAHEGNKGFAELAAEGAYKTFPADNDGILPLMDDEWFEDDVTSRVKEFVRTVWGEEHLQENLEFIAE
SLCLYAIKPKKGESALETIRRYLSTQFWKDHMKMYKKRPIYWLFSSGKEKAFECLVYLHRYNDATLSRMRTEYVVPLLAR
YQANIDRLNDQLDEASGGEATRLKRERDSLIKKFSELRSYDDRLRHYADMRISIDLDDGVKVNYGKFGDLLADVKAITGN
APEAI
;
_entity_poly.pdbx_strand_id   A
#
# COMPACT_ATOMS: atom_id res chain seq x y z
N MET A 1 10.17 29.12 -6.21
CA MET A 1 9.96 27.69 -6.10
C MET A 1 10.25 27.00 -7.42
N ASN A 2 10.84 25.80 -7.34
CA ASN A 2 11.18 25.05 -8.54
C ASN A 2 9.93 24.67 -9.34
N THR A 3 8.91 24.13 -8.65
CA THR A 3 7.72 23.66 -9.34
C THR A 3 6.99 24.78 -10.08
N ASN A 4 7.18 26.03 -9.66
CA ASN A 4 6.57 27.15 -10.36
C ASN A 4 7.14 27.29 -11.76
N ASN A 5 8.42 26.99 -11.94
CA ASN A 5 9.11 27.19 -13.21
C ASN A 5 9.49 25.89 -13.90
N ILE A 6 10.21 25.01 -13.21
CA ILE A 6 10.68 23.78 -13.83
C ILE A 6 9.51 22.87 -14.17
N LYS A 7 8.60 22.67 -13.23
CA LYS A 7 7.42 21.86 -13.49
C LYS A 7 6.47 22.63 -14.41
N LYS A 8 5.49 21.89 -14.95
CA LYS A 8 4.45 22.41 -15.83
C LYS A 8 5.02 22.74 -17.20
N TYR A 9 6.32 22.59 -17.36
CA TYR A 9 6.98 22.74 -18.65
C TYR A 9 7.86 21.56 -19.03
N ALA A 10 8.54 20.96 -18.04
CA ALA A 10 9.43 19.84 -18.34
C ALA A 10 8.71 18.64 -18.94
N PRO A 11 7.60 18.14 -18.39
CA PRO A 11 6.98 16.93 -18.95
C PRO A 11 6.46 17.12 -20.37
N GLN A 12 5.67 18.17 -20.59
CA GLN A 12 5.09 18.42 -21.90
C GLN A 12 6.16 18.50 -22.98
N ALA A 13 7.20 19.30 -22.73
CA ALA A 13 8.28 19.43 -23.71
C ALA A 13 8.89 18.08 -24.05
N ARG A 14 8.90 17.14 -23.10
CA ARG A 14 9.41 15.80 -23.37
C ARG A 14 8.73 15.20 -24.60
N ASN A 15 7.40 15.31 -24.67
CA ASN A 15 6.70 14.80 -25.84
C ASN A 15 7.03 15.63 -27.07
N ASP A 16 7.15 16.95 -26.92
CA ASP A 16 7.27 17.84 -28.07
C ASP A 16 8.47 17.46 -28.93
N PHE A 17 9.64 17.36 -28.31
CA PHE A 17 10.85 16.95 -29.03
C PHE A 17 10.60 15.65 -29.79
N ARG A 18 9.96 14.68 -29.12
CA ARG A 18 9.67 13.40 -29.76
C ARG A 18 8.93 13.60 -31.07
N ASP A 19 7.94 14.50 -31.08
CA ASP A 19 7.19 14.75 -32.30
C ASP A 19 8.12 15.17 -33.43
N ALA A 20 9.05 16.09 -33.15
CA ALA A 20 10.00 16.51 -34.16
C ALA A 20 10.78 15.33 -34.70
N VAL A 21 11.20 14.41 -33.81
CA VAL A 21 11.90 13.22 -34.26
C VAL A 21 11.05 12.46 -35.27
N ILE A 22 9.77 12.27 -34.94
CA ILE A 22 8.87 11.59 -35.86
C ILE A 22 8.88 12.30 -37.22
N GLN A 23 8.80 13.63 -37.19
CA GLN A 23 8.88 14.42 -38.41
C GLN A 23 10.11 14.02 -39.23
N LYS A 24 11.28 14.00 -38.58
CA LYS A 24 12.49 13.63 -39.28
C LYS A 24 12.37 12.25 -39.91
N LEU A 25 11.78 11.31 -39.17
CA LEU A 25 11.59 9.96 -39.71
C LEU A 25 10.71 10.01 -40.94
N THR A 26 9.64 10.81 -40.90
CA THR A 26 8.78 10.94 -42.07
C THR A 26 9.53 11.53 -43.25
N THR A 27 10.54 12.36 -42.99
CA THR A 27 11.33 12.93 -44.06
C THR A 27 12.37 11.95 -44.61
N LEU A 28 12.61 10.82 -43.93
CA LEU A 28 13.62 9.86 -44.36
C LEU A 28 12.98 8.55 -44.83
N GLY A 29 11.69 8.56 -45.11
CA GLY A 29 11.00 7.33 -45.47
C GLY A 29 11.02 6.29 -44.40
N ILE A 30 10.96 6.70 -43.13
CA ILE A 30 11.00 5.79 -41.99
C ILE A 30 9.69 5.94 -41.23
N ALA A 31 9.00 4.81 -41.03
CA ALA A 31 7.72 4.84 -40.34
C ALA A 31 7.45 3.46 -39.76
N ALA A 32 6.50 3.42 -38.82
CA ALA A 32 6.06 2.18 -38.20
C ALA A 32 4.54 2.19 -38.13
N ASP A 33 3.94 1.03 -38.37
CA ASP A 33 2.48 0.90 -38.34
C ASP A 33 2.01 0.84 -36.89
N LYS A 34 0.72 0.55 -36.70
CA LYS A 34 0.20 0.41 -35.35
C LYS A 34 0.84 -0.75 -34.62
N LYS A 35 1.08 -1.86 -35.32
CA LYS A 35 1.76 -3.00 -34.74
C LYS A 35 3.25 -2.77 -34.51
N GLY A 36 3.81 -1.68 -35.05
CA GLY A 36 5.21 -1.39 -34.91
C GLY A 36 6.11 -2.01 -35.96
N ASN A 37 5.54 -2.67 -36.97
CA ASN A 37 6.34 -3.26 -38.02
C ASN A 37 7.06 -2.19 -38.83
N LEU A 38 8.27 -2.52 -39.27
CA LEU A 38 9.09 -1.56 -40.00
C LEU A 38 8.46 -1.22 -41.34
N GLN A 39 8.42 0.07 -41.65
CA GLN A 39 7.90 0.59 -42.91
C GLN A 39 8.92 1.50 -43.57
N ILE A 40 10.17 1.06 -43.58
CA ILE A 40 11.25 1.88 -44.12
C ILE A 40 11.17 1.92 -45.63
N ALA A 41 11.09 3.12 -46.20
CA ALA A 41 11.06 3.27 -47.64
C ALA A 41 12.42 2.95 -48.25
N GLU A 42 12.40 2.54 -49.52
CA GLU A 42 13.61 2.18 -50.21
C GLU A 42 14.20 3.39 -50.92
N ALA A 43 15.49 3.65 -50.66
CA ALA A 43 16.14 4.83 -51.22
C ALA A 43 16.33 4.69 -52.72
N GLU A 44 16.10 5.79 -53.44
CA GLU A 44 16.32 5.87 -54.88
C GLU A 44 17.43 6.88 -55.13
N THR A 45 18.47 6.47 -55.84
CA THR A 45 19.64 7.29 -56.09
C THR A 45 19.63 7.76 -57.53
N ILE A 46 19.30 9.04 -57.74
CA ILE A 46 19.30 9.66 -59.06
C ILE A 46 19.99 11.00 -58.97
N GLY A 47 20.99 11.22 -59.83
CA GLY A 47 21.66 12.50 -59.89
C GLY A 47 22.29 12.90 -58.57
N GLU A 48 23.06 11.99 -57.98
CA GLU A 48 23.59 12.08 -56.61
C GLU A 48 22.56 12.68 -55.66
N THR A 49 21.30 12.26 -55.81
CA THR A 49 20.22 12.68 -54.94
C THR A 49 19.46 11.45 -54.48
N VAL A 50 19.26 11.34 -53.18
CA VAL A 50 18.56 10.20 -52.58
C VAL A 50 17.11 10.61 -52.34
N ARG A 51 16.19 9.72 -52.65
CA ARG A 51 14.76 9.97 -52.49
C ARG A 51 14.13 8.83 -51.71
N TYR A 52 13.32 9.19 -50.73
CA TYR A 52 12.55 8.23 -49.92
C TYR A 52 11.08 8.55 -50.14
N GLY A 53 10.51 7.97 -51.19
CA GLY A 53 9.14 8.31 -51.55
C GLY A 53 9.08 9.65 -52.25
N GLN A 54 8.61 10.67 -51.53
CA GLN A 54 8.58 12.03 -52.05
C GLN A 54 9.78 12.86 -51.61
N PHE A 55 10.22 12.71 -50.37
CA PHE A 55 11.31 13.52 -49.85
C PHE A 55 12.63 13.18 -50.52
N ASP A 56 13.50 14.19 -50.63
CA ASP A 56 14.79 14.04 -51.27
C ASP A 56 15.86 14.73 -50.44
N TYR A 57 17.10 14.29 -50.64
CA TYR A 57 18.25 14.75 -49.86
C TYR A 57 19.50 14.56 -50.70
N PRO A 58 20.60 15.22 -50.34
CA PRO A 58 21.87 14.97 -51.04
C PRO A 58 22.39 13.56 -50.77
N LEU A 59 23.20 13.08 -51.71
CA LEU A 59 23.71 11.71 -51.64
C LEU A 59 24.63 11.50 -50.44
N SER A 60 25.32 12.56 -49.99
CA SER A 60 26.30 12.40 -48.92
C SER A 60 25.67 11.88 -47.64
N THR A 61 24.41 12.21 -47.39
CA THR A 61 23.72 11.76 -46.19
C THR A 61 23.25 10.32 -46.28
N LEU A 62 23.37 9.68 -47.45
CA LEU A 62 22.84 8.32 -47.61
C LEU A 62 23.50 7.31 -46.68
N PRO A 63 24.84 7.20 -46.60
CA PRO A 63 25.41 6.18 -45.70
C PRO A 63 25.01 6.35 -44.25
N ARG A 64 24.91 7.59 -43.77
CA ARG A 64 24.56 7.82 -42.38
C ARG A 64 23.21 7.23 -42.04
N ARG A 65 22.21 7.47 -42.90
CA ARG A 65 20.90 6.88 -42.69
C ARG A 65 20.97 5.36 -42.60
N GLU A 66 21.92 4.76 -43.33
CA GLU A 66 22.07 3.30 -43.26
C GLU A 66 22.36 2.85 -41.84
N ARG A 67 23.21 3.59 -41.13
CA ARG A 67 23.44 3.28 -39.72
C ARG A 67 22.14 3.37 -38.93
N LEU A 68 21.35 4.41 -39.18
CA LEU A 68 20.03 4.50 -38.57
C LEU A 68 19.17 3.29 -38.93
N VAL A 69 19.30 2.80 -40.17
CA VAL A 69 18.60 1.58 -40.56
C VAL A 69 19.00 0.44 -39.62
N LYS A 70 20.30 0.32 -39.35
CA LYS A 70 20.75 -0.65 -38.35
C LYS A 70 20.13 -0.35 -36.99
N ARG A 71 20.11 0.94 -36.61
CA ARG A 71 19.44 1.33 -35.37
C ARG A 71 17.98 0.94 -35.39
N ALA A 72 17.36 0.90 -36.57
CA ALA A 72 15.98 0.47 -36.67
C ALA A 72 15.83 -1.01 -36.33
N ARG A 73 16.80 -1.83 -36.71
CA ARG A 73 16.70 -3.28 -36.53
C ARG A 73 17.41 -3.78 -35.28
N GLU A 74 18.46 -3.09 -34.84
CA GLU A 74 19.19 -3.55 -33.66
C GLU A 74 18.37 -3.37 -32.38
N GLN A 75 17.55 -2.32 -32.33
CA GLN A 75 16.79 -1.99 -31.13
C GLN A 75 15.39 -1.56 -31.55
N GLY A 76 14.63 -1.05 -30.59
CA GLY A 76 13.27 -0.62 -30.87
C GLY A 76 13.20 0.76 -31.50
N PHE A 77 12.15 0.96 -32.30
CA PHE A 77 11.92 2.26 -32.93
C PHE A 77 11.69 3.35 -31.88
N GLU A 78 10.74 3.10 -30.97
CA GLU A 78 10.49 4.06 -29.89
C GLU A 78 11.72 4.24 -29.01
N VAL A 79 12.53 3.19 -28.85
CA VAL A 79 13.76 3.29 -28.08
C VAL A 79 14.67 4.34 -28.69
N LEU A 80 14.89 4.25 -30.00
CA LEU A 80 15.74 5.23 -30.69
C LEU A 80 15.15 6.63 -30.62
N VAL A 81 13.81 6.74 -30.78
CA VAL A 81 13.17 8.04 -30.72
C VAL A 81 13.42 8.69 -29.36
N GLU A 82 13.17 7.96 -28.28
CA GLU A 82 13.38 8.49 -26.94
C GLU A 82 14.84 8.81 -26.70
N HIS A 83 15.74 7.95 -27.20
CA HIS A 83 17.17 8.18 -27.03
C HIS A 83 17.58 9.51 -27.65
N CYS A 84 17.22 9.74 -28.91
CA CYS A 84 17.55 11.00 -29.56
C CYS A 84 16.90 12.18 -28.85
N ALA A 85 15.65 12.01 -28.40
CA ALA A 85 14.93 13.10 -27.74
C ALA A 85 15.66 13.54 -26.48
N TYR A 86 15.98 12.59 -25.59
CA TYR A 86 16.62 13.00 -24.34
C TYR A 86 18.06 13.43 -24.56
N THR A 87 18.73 12.90 -25.59
CA THR A 87 20.07 13.38 -25.91
C THR A 87 20.03 14.86 -26.28
N TRP A 88 19.14 15.23 -27.20
CA TRP A 88 19.04 16.63 -27.59
C TRP A 88 18.60 17.51 -26.43
N PHE A 89 17.67 17.02 -25.61
CA PHE A 89 17.21 17.80 -24.46
C PHE A 89 18.37 18.08 -23.50
N ASN A 90 19.15 17.05 -23.18
CA ASN A 90 20.29 17.24 -22.28
C ASN A 90 21.32 18.18 -22.88
N ARG A 91 21.59 18.04 -24.18
CA ARG A 91 22.56 18.94 -24.82
C ARG A 91 22.09 20.39 -24.74
N LEU A 92 20.81 20.64 -25.04
CA LEU A 92 20.30 22.00 -24.99
C LEU A 92 20.36 22.57 -23.58
N CYS A 93 19.98 21.77 -22.58
CA CYS A 93 20.03 22.24 -21.20
C CYS A 93 21.46 22.58 -20.78
N ALA A 94 22.41 21.71 -21.16
CA ALA A 94 23.81 21.96 -20.82
C ALA A 94 24.31 23.24 -21.47
N ILE A 95 23.98 23.45 -22.74
CA ILE A 95 24.43 24.65 -23.44
C ILE A 95 23.84 25.90 -22.79
N ARG A 96 22.55 25.85 -22.43
CA ARG A 96 21.93 27.00 -21.78
C ARG A 96 22.60 27.29 -20.44
N TYR A 97 22.86 26.25 -19.65
CA TYR A 97 23.51 26.47 -18.36
C TYR A 97 24.90 27.06 -18.54
N MET A 98 25.67 26.54 -19.50
CA MET A 98 27.03 27.05 -19.70
C MET A 98 27.02 28.50 -20.19
N GLU A 99 26.09 28.85 -21.08
CA GLU A 99 26.06 30.21 -21.58
C GLU A 99 25.58 31.20 -20.51
N LEU A 100 24.65 30.77 -19.65
CA LEU A 100 24.16 31.66 -18.60
C LEU A 100 25.26 31.96 -17.58
N HIS A 101 26.04 30.95 -17.21
CA HIS A 101 27.13 31.15 -16.25
C HIS A 101 28.37 31.77 -16.88
N GLY A 102 28.42 31.87 -18.20
CA GLY A 102 29.54 32.51 -18.86
C GLY A 102 30.87 31.80 -18.67
N TYR A 103 30.86 30.47 -18.76
CA TYR A 103 32.10 29.69 -18.70
C TYR A 103 32.75 29.53 -20.07
N LEU A 104 32.12 30.03 -21.13
CA LEU A 104 32.67 29.91 -22.46
C LEU A 104 33.88 30.81 -22.63
N ASP A 105 34.72 30.48 -23.60
CA ASP A 105 35.94 31.24 -23.85
C ASP A 105 35.61 32.64 -24.35
N HIS A 106 34.76 32.75 -25.38
CA HIS A 106 34.43 34.05 -25.93
C HIS A 106 33.51 34.84 -25.01
N GLY A 107 32.57 34.17 -24.36
CA GLY A 107 31.65 34.84 -23.46
C GLY A 107 30.54 35.57 -24.17
N PHE A 108 29.77 34.85 -24.98
CA PHE A 108 28.66 35.43 -25.71
C PHE A 108 27.49 34.46 -25.70
N ARG A 109 26.30 34.99 -25.45
CA ARG A 109 25.09 34.15 -25.44
C ARG A 109 24.81 33.59 -26.83
N MET A 110 24.21 32.41 -26.86
CA MET A 110 23.87 31.73 -28.09
C MET A 110 22.37 31.56 -28.30
N LEU A 111 21.65 31.15 -27.26
CA LEU A 111 20.22 30.89 -27.39
C LEU A 111 19.37 32.14 -27.27
N SER A 112 19.94 33.27 -26.87
CA SER A 112 19.19 34.51 -26.71
C SER A 112 20.17 35.67 -26.73
N HIS A 113 19.68 36.86 -26.41
CA HIS A 113 20.46 38.08 -26.38
C HIS A 113 20.21 38.81 -25.07
N PRO A 114 21.26 39.34 -24.42
CA PRO A 114 21.06 40.09 -23.18
C PRO A 114 20.22 41.34 -23.44
N GLU A 115 19.38 41.68 -22.46
CA GLU A 115 18.49 42.84 -22.46
C GLU A 115 17.80 43.06 -23.80
N THR A 116 17.52 41.99 -24.53
CA THR A 116 16.81 42.06 -25.80
C THR A 116 16.13 40.72 -26.08
N PRO A 117 14.85 40.60 -25.78
CA PRO A 117 14.16 39.32 -26.02
C PRO A 117 14.09 38.99 -27.50
N THR A 118 14.10 37.68 -27.79
CA THR A 118 13.99 37.15 -29.14
C THR A 118 15.05 37.74 -30.07
N ALA A 119 16.30 37.56 -29.68
CA ALA A 119 17.44 38.02 -30.47
C ALA A 119 18.62 37.10 -30.16
N PHE A 120 19.78 37.42 -30.72
CA PHE A 120 20.97 36.60 -30.56
C PHE A 120 22.20 37.48 -30.43
N GLU A 121 22.98 37.26 -29.37
CA GLU A 121 24.20 38.03 -29.17
C GLU A 121 25.23 37.74 -30.25
N VAL A 122 25.30 36.48 -30.69
CA VAL A 122 26.31 36.09 -31.68
C VAL A 122 26.12 36.86 -32.98
N LEU A 123 24.88 37.21 -33.32
CA LEU A 123 24.63 37.98 -34.54
C LEU A 123 25.30 39.34 -34.49
N ASP A 124 25.53 39.87 -33.29
CA ASP A 124 26.24 41.14 -33.13
C ASP A 124 27.76 40.98 -33.14
N HIS A 125 28.25 39.75 -33.05
CA HIS A 125 29.68 39.47 -32.99
C HIS A 125 30.03 38.29 -33.88
N VAL A 126 29.48 38.30 -35.10
CA VAL A 126 29.66 37.17 -36.01
C VAL A 126 31.12 36.88 -36.31
N PRO A 127 31.95 37.85 -36.72
CA PRO A 127 33.35 37.51 -37.02
C PRO A 127 34.12 36.94 -35.86
N GLU A 128 33.89 37.47 -34.64
CA GLU A 128 34.64 36.99 -33.48
C GLU A 128 34.28 35.54 -33.15
N VAL A 129 32.99 35.23 -33.11
CA VAL A 129 32.57 33.86 -32.82
C VAL A 129 33.01 32.92 -33.93
N ALA A 130 32.94 33.37 -35.18
CA ALA A 130 33.39 32.55 -36.30
C ALA A 130 34.87 32.23 -36.19
N GLU A 131 35.69 33.23 -35.84
CA GLU A 131 37.11 32.98 -35.62
C GLU A 131 37.33 32.04 -34.44
N ALA A 132 36.52 32.19 -33.39
CA ALA A 132 36.66 31.31 -32.24
C ALA A 132 36.30 29.86 -32.58
N LEU A 133 35.39 29.65 -33.51
CA LEU A 133 34.92 28.31 -33.85
C LEU A 133 35.48 27.80 -35.17
N LEU A 134 35.28 28.53 -36.26
CA LEU A 134 35.65 28.07 -37.60
C LEU A 134 36.49 29.12 -38.30
N PRO A 135 37.77 29.23 -37.93
CA PRO A 135 38.65 30.22 -38.59
C PRO A 135 38.83 29.96 -40.08
N GLU A 136 38.74 28.70 -40.51
CA GLU A 136 39.09 28.36 -41.89
C GLU A 136 38.07 28.92 -42.88
N SER A 137 36.80 28.95 -42.52
CA SER A 137 35.75 29.35 -43.45
C SER A 137 34.92 30.49 -42.88
N LYS A 138 35.51 31.33 -42.02
CA LYS A 138 34.77 32.42 -41.42
C LYS A 138 34.34 33.46 -42.45
N ALA A 139 35.22 33.76 -43.42
CA ALA A 139 34.94 34.82 -44.38
C ALA A 139 33.67 34.52 -45.17
N GLN A 140 33.50 33.28 -45.63
CA GLN A 140 32.26 32.91 -46.31
C GLN A 140 31.06 33.14 -45.43
N LEU A 141 31.18 32.81 -44.13
CA LEU A 141 30.11 33.11 -43.19
C LEU A 141 29.84 34.61 -43.15
N VAL A 142 30.90 35.42 -43.17
CA VAL A 142 30.72 36.87 -43.25
C VAL A 142 29.96 37.23 -44.51
N GLU A 143 30.25 36.53 -45.62
CA GLU A 143 29.48 36.72 -46.84
C GLU A 143 28.00 36.45 -46.57
N MET A 144 27.69 35.39 -45.83
CA MET A 144 26.32 35.15 -45.40
C MET A 144 25.81 36.33 -44.58
N LYS A 145 26.62 36.81 -43.65
CA LYS A 145 26.27 38.05 -42.93
C LYS A 145 26.17 39.22 -43.90
N LEU A 146 27.03 39.25 -44.91
CA LEU A 146 26.89 40.23 -45.98
C LEU A 146 25.59 40.03 -46.75
N SER A 147 25.19 38.76 -46.92
CA SER A 147 23.95 38.47 -47.64
C SER A 147 22.74 39.00 -46.90
N GLY A 148 22.74 38.89 -45.57
CA GLY A 148 21.57 39.22 -44.77
C GLY A 148 20.51 38.15 -44.73
N ASN A 149 20.46 37.28 -45.74
CA ASN A 149 19.55 36.14 -45.77
C ASN A 149 20.28 34.94 -45.15
N GLN A 150 19.71 33.74 -45.34
CA GLN A 150 20.26 32.47 -44.87
C GLN A 150 20.73 32.55 -43.41
N ASP A 151 19.99 33.32 -42.61
CA ASP A 151 20.31 33.46 -41.20
C ASP A 151 20.11 32.14 -40.45
N GLU A 152 19.06 31.39 -40.82
CA GLU A 152 18.82 30.09 -40.20
C GLU A 152 19.98 29.14 -40.44
N ALA A 153 20.49 29.10 -41.67
CA ALA A 153 21.62 28.24 -41.98
C ALA A 153 22.85 28.65 -41.20
N LEU A 154 23.12 29.96 -41.09
CA LEU A 154 24.27 30.43 -40.34
C LEU A 154 24.14 30.06 -38.87
N TYR A 155 22.95 30.22 -38.30
CA TYR A 155 22.73 29.85 -36.90
C TYR A 155 22.94 28.35 -36.68
N ARG A 156 22.43 27.54 -37.61
CA ARG A 156 22.64 26.10 -37.51
C ARG A 156 24.11 25.74 -37.59
N GLU A 157 24.85 26.38 -38.49
CA GLU A 157 26.27 26.12 -38.61
C GLU A 157 27.01 26.51 -37.34
N LEU A 158 26.66 27.67 -36.76
CA LEU A 158 27.31 28.09 -35.52
C LEU A 158 27.02 27.11 -34.39
N LEU A 159 25.77 26.64 -34.29
CA LEU A 159 25.43 25.68 -33.25
C LEU A 159 26.21 24.38 -33.43
N LEU A 160 26.30 23.89 -34.67
CA LEU A 160 27.04 22.65 -34.92
C LEU A 160 28.53 22.82 -34.61
N GLY A 161 29.10 23.96 -34.97
CA GLY A 161 30.49 24.22 -34.65
C GLY A 161 30.73 24.28 -33.16
N GLN A 162 29.82 24.91 -32.43
CA GLN A 162 29.95 24.97 -30.97
C GLN A 162 29.88 23.58 -30.37
N CYS A 163 28.95 22.75 -30.85
CA CYS A 163 28.86 21.37 -30.34
C CYS A 163 30.13 20.59 -30.64
N HIS A 164 30.67 20.73 -31.86
CA HIS A 164 31.90 20.04 -32.20
C HIS A 164 33.06 20.50 -31.32
N ALA A 165 33.13 21.79 -31.03
CA ALA A 165 34.15 22.29 -30.11
C ALA A 165 33.97 21.70 -28.72
N LEU A 166 32.73 21.61 -28.25
CA LEU A 166 32.44 21.06 -26.93
C LEU A 166 32.61 19.55 -26.86
N HIS A 167 32.76 18.88 -28.00
CA HIS A 167 32.92 17.42 -27.97
C HIS A 167 34.16 17.00 -27.20
N HIS A 168 35.27 17.70 -27.41
CA HIS A 168 36.54 17.23 -26.85
C HIS A 168 36.53 17.20 -25.33
N ALA A 169 35.98 18.24 -24.69
CA ALA A 169 35.99 18.28 -23.23
C ALA A 169 35.03 17.27 -22.63
N MET A 170 33.93 16.97 -23.33
CA MET A 170 32.92 16.02 -22.86
C MET A 170 32.70 14.98 -23.94
N PRO A 171 33.60 14.00 -24.07
CA PRO A 171 33.42 12.97 -25.10
C PRO A 171 32.17 12.13 -24.91
N PHE A 172 31.63 12.08 -23.70
CA PHE A 172 30.46 11.26 -23.40
C PHE A 172 29.14 11.96 -23.67
N LEU A 173 29.16 13.18 -24.18
CA LEU A 173 27.92 13.90 -24.42
C LEU A 173 27.79 14.43 -25.83
N PHE A 174 28.88 14.88 -26.44
CA PHE A 174 28.86 15.44 -27.79
C PHE A 174 29.70 14.58 -28.72
N GLU A 175 29.21 14.38 -29.94
CA GLU A 175 29.95 13.65 -30.95
C GLU A 175 30.85 14.60 -31.74
N ALA A 176 31.99 14.07 -32.19
CA ALA A 176 32.95 14.89 -32.93
C ALA A 176 32.45 15.18 -34.34
N VAL A 177 32.31 14.13 -35.15
CA VAL A 177 31.87 14.24 -36.54
C VAL A 177 30.98 13.04 -36.86
N ASP A 178 30.31 13.13 -38.01
CA ASP A 178 29.45 12.06 -38.51
C ASP A 178 28.38 11.70 -37.48
N ASP A 179 27.72 12.72 -36.94
CA ASP A 179 26.63 12.52 -35.98
C ASP A 179 25.31 12.45 -36.74
N GLU A 180 24.62 11.32 -36.62
CA GLU A 180 23.34 11.16 -37.29
C GLU A 180 22.31 12.15 -36.78
N ALA A 181 22.38 12.50 -35.50
CA ALA A 181 21.43 13.44 -34.92
C ALA A 181 21.50 14.81 -35.59
N GLU A 182 22.60 15.11 -36.28
CA GLU A 182 22.66 16.34 -37.06
C GLU A 182 21.56 16.39 -38.11
N LEU A 183 21.32 15.25 -38.78
CA LEU A 183 20.19 15.17 -39.70
C LEU A 183 18.86 15.25 -38.98
N LEU A 184 18.82 14.88 -37.70
CA LEU A 184 17.60 14.93 -36.90
C LEU A 184 17.40 16.28 -36.22
N LEU A 185 18.31 17.21 -36.39
CA LEU A 185 18.21 18.51 -35.72
C LEU A 185 17.03 19.29 -36.29
N PRO A 186 16.08 19.72 -35.47
CA PRO A 186 14.95 20.50 -35.99
C PRO A 186 15.41 21.81 -36.62
N ASP A 187 14.68 22.23 -37.65
CA ASP A 187 15.00 23.42 -38.41
C ASP A 187 14.27 24.63 -37.81
N ASN A 188 14.25 25.74 -38.56
CA ASN A 188 13.53 26.96 -38.20
C ASN A 188 13.81 27.39 -36.76
N LEU A 189 15.08 27.33 -36.38
CA LEU A 189 15.47 27.76 -35.04
C LEU A 189 15.23 29.25 -34.84
N THR A 190 15.51 30.06 -35.87
CA THR A 190 15.33 31.49 -35.76
C THR A 190 13.86 31.89 -35.65
N ARG A 191 12.95 31.06 -36.13
CA ARG A 191 11.54 31.40 -36.07
C ARG A 191 11.00 31.25 -34.65
N THR A 192 9.94 32.00 -34.37
CA THR A 192 9.35 31.99 -33.03
C THR A 192 8.66 30.67 -32.70
N ASP A 193 8.28 29.88 -33.70
CA ASP A 193 7.60 28.63 -33.44
C ASP A 193 8.53 27.57 -32.86
N SER A 194 9.84 27.77 -32.97
CA SER A 194 10.80 26.81 -32.45
C SER A 194 10.71 26.71 -30.93
N ILE A 195 10.92 25.49 -30.41
CA ILE A 195 10.88 25.25 -28.98
C ILE A 195 12.01 25.94 -28.24
N LEU A 196 13.04 26.43 -28.95
CA LEU A 196 14.13 27.14 -28.31
C LEU A 196 13.64 28.40 -27.61
N ARG A 197 12.71 29.13 -28.25
CA ARG A 197 12.15 30.31 -27.62
C ARG A 197 11.41 29.95 -26.33
N GLY A 198 10.63 28.88 -26.34
CA GLY A 198 9.96 28.45 -25.13
C GLY A 198 10.93 28.08 -24.04
N LEU A 199 12.00 27.36 -24.39
CA LEU A 199 13.01 27.02 -23.39
C LEU A 199 13.67 28.27 -22.83
N VAL A 200 13.93 29.26 -23.69
CA VAL A 200 14.61 30.48 -23.24
C VAL A 200 13.72 31.27 -22.28
N ASP A 201 12.46 31.48 -22.66
CA ASP A 201 11.58 32.36 -21.89
C ASP A 201 10.40 31.61 -21.28
N ASP A 202 10.65 30.40 -20.75
CA ASP A 202 9.68 29.73 -19.91
C ASP A 202 10.15 29.54 -18.47
N ILE A 203 11.43 29.77 -18.18
CA ILE A 203 11.95 29.64 -16.83
C ILE A 203 12.79 30.86 -16.51
N PRO A 204 12.58 31.52 -15.36
CA PRO A 204 13.44 32.65 -14.98
C PRO A 204 14.89 32.21 -14.84
N GLU A 205 15.81 33.10 -15.23
CA GLU A 205 17.24 32.78 -15.18
C GLU A 205 17.75 32.65 -13.75
N GLU A 206 17.05 33.21 -12.77
CA GLU A 206 17.51 33.15 -11.39
C GLU A 206 17.54 31.72 -10.86
N ASP A 207 16.79 30.81 -11.47
CA ASP A 207 16.83 29.41 -11.08
C ASP A 207 18.12 28.72 -11.53
N TRP A 208 18.92 29.35 -12.39
CA TRP A 208 20.14 28.77 -12.93
C TRP A 208 21.38 29.13 -12.11
N GLU A 209 21.21 29.37 -10.81
CA GLU A 209 22.33 29.77 -9.97
C GLU A 209 22.94 28.62 -9.18
N GLN A 210 22.24 27.49 -9.06
CA GLN A 210 22.72 26.34 -8.32
C GLN A 210 22.53 25.07 -9.14
N VAL A 211 23.40 24.09 -8.88
CA VAL A 211 23.33 22.82 -9.61
C VAL A 211 22.06 22.04 -9.30
N GLU A 212 21.40 22.38 -8.18
CA GLU A 212 20.23 21.61 -7.73
C GLU A 212 19.17 21.49 -8.83
N VAL A 213 19.00 22.56 -9.61
CA VAL A 213 17.96 22.56 -10.65
C VAL A 213 18.14 21.37 -11.59
N ILE A 214 19.40 21.04 -11.90
CA ILE A 214 19.66 19.92 -12.81
C ILE A 214 19.00 18.66 -12.30
N GLY A 215 19.14 18.38 -11.00
CA GLY A 215 18.53 17.19 -10.44
C GLY A 215 17.03 17.15 -10.66
N TRP A 216 16.37 18.31 -10.53
CA TRP A 216 14.93 18.35 -10.72
C TRP A 216 14.54 17.84 -12.10
N LEU A 217 15.37 18.13 -13.11
CA LEU A 217 15.09 17.65 -14.45
C LEU A 217 14.99 16.12 -14.46
N TYR A 218 15.93 15.46 -13.79
CA TYR A 218 15.91 14.01 -13.72
C TYR A 218 14.65 13.48 -13.07
N GLN A 219 13.99 14.28 -12.25
CA GLN A 219 12.75 13.86 -11.62
C GLN A 219 11.50 14.34 -12.35
N PHE A 220 11.64 15.21 -13.35
CA PHE A 220 10.49 15.78 -14.05
C PHE A 220 10.35 15.31 -15.48
N TYR A 221 11.46 15.26 -16.24
CA TYR A 221 11.39 14.95 -17.66
C TYR A 221 10.74 13.60 -17.91
N ILE A 222 10.80 12.68 -16.95
CA ILE A 222 10.16 11.38 -17.07
C ILE A 222 8.94 11.23 -16.18
N SER A 223 8.70 12.18 -15.27
CA SER A 223 7.64 12.02 -14.27
C SER A 223 6.30 11.73 -14.93
N GLU A 224 5.96 12.50 -15.96
CA GLU A 224 4.71 12.26 -16.69
C GLU A 224 4.62 10.83 -17.18
N LYS A 225 5.67 10.36 -17.86
CA LYS A 225 5.66 8.99 -18.35
C LYS A 225 5.58 8.00 -17.21
N LYS A 226 6.10 8.36 -16.04
CA LYS A 226 5.98 7.49 -14.87
C LYS A 226 4.52 7.18 -14.57
N ASP A 227 3.64 8.17 -14.74
CA ASP A 227 2.22 7.96 -14.50
C ASP A 227 1.63 6.90 -15.40
N ALA A 228 2.24 6.66 -16.57
CA ALA A 228 1.77 5.63 -17.48
C ALA A 228 2.39 4.26 -17.22
N VAL A 229 3.39 4.18 -16.34
CA VAL A 229 4.08 2.91 -16.12
C VAL A 229 4.12 2.59 -14.63
N ILE A 230 3.13 3.06 -13.89
CA ILE A 230 3.08 2.88 -12.44
C ILE A 230 1.96 1.90 -12.11
N GLY A 231 2.26 0.94 -11.24
CA GLY A 231 1.27 -0.01 -10.77
C GLY A 231 1.04 -1.20 -11.67
N LYS A 232 1.86 -1.38 -12.70
CA LYS A 232 1.69 -2.48 -13.64
C LYS A 232 2.98 -3.29 -13.72
N VAL A 233 2.91 -4.41 -14.45
CA VAL A 233 4.08 -5.24 -14.66
C VAL A 233 5.10 -4.46 -15.49
N VAL A 234 6.37 -4.50 -15.04
CA VAL A 234 7.42 -3.67 -15.62
C VAL A 234 8.38 -4.56 -16.40
N LYS A 235 8.64 -4.17 -17.64
CA LYS A 235 9.59 -4.88 -18.49
C LYS A 235 10.98 -4.30 -18.30
N SER A 236 11.96 -4.82 -19.06
CA SER A 236 13.33 -4.36 -18.93
C SER A 236 13.46 -2.90 -19.34
N GLU A 237 12.79 -2.51 -20.42
CA GLU A 237 12.88 -1.12 -20.89
C GLU A 237 12.32 -0.15 -19.87
N ASP A 238 11.23 -0.53 -19.20
CA ASP A 238 10.53 0.36 -18.28
C ASP A 238 11.06 0.27 -16.86
N ILE A 239 12.12 -0.52 -16.62
CA ILE A 239 12.70 -0.60 -15.28
C ILE A 239 13.04 0.78 -14.71
N PRO A 240 13.70 1.67 -15.44
CA PRO A 240 13.95 3.03 -14.91
C PRO A 240 12.77 3.97 -15.09
N ALA A 241 11.72 3.57 -15.81
CA ALA A 241 10.63 4.47 -16.11
C ALA A 241 9.74 4.76 -14.90
N ALA A 242 9.87 3.99 -13.82
CA ALA A 242 8.99 4.19 -12.67
C ALA A 242 9.73 4.10 -11.33
N THR A 243 11.05 4.19 -11.32
CA THR A 243 11.84 4.06 -10.09
C THR A 243 12.91 5.14 -10.02
N GLN A 244 12.53 6.38 -10.36
CA GLN A 244 13.43 7.51 -10.30
C GLN A 244 12.86 8.57 -9.37
N LEU A 245 13.63 8.92 -8.34
CA LEU A 245 13.20 9.91 -7.36
C LEU A 245 14.31 10.91 -7.08
N PHE A 246 14.12 11.76 -6.08
CA PHE A 246 15.14 12.68 -5.60
C PHE A 246 15.23 12.60 -4.09
N THR A 247 16.44 12.84 -3.57
CA THR A 247 16.70 12.67 -2.16
C THR A 247 16.98 14.00 -1.48
N PRO A 248 16.39 14.27 -0.32
CA PRO A 248 16.69 15.52 0.39
C PRO A 248 18.15 15.61 0.78
N ASN A 249 18.65 16.86 0.84
CA ASN A 249 20.07 17.09 1.05
C ASN A 249 20.55 16.58 2.42
N TRP A 250 19.74 16.78 3.47
CA TRP A 250 20.18 16.44 4.81
C TRP A 250 20.40 14.95 4.95
N ILE A 251 19.53 14.13 4.35
CA ILE A 251 19.71 12.68 4.41
C ILE A 251 21.03 12.27 3.73
N VAL A 252 21.33 12.88 2.59
CA VAL A 252 22.57 12.56 1.89
C VAL A 252 23.77 12.95 2.71
N GLN A 253 23.73 14.13 3.33
CA GLN A 253 24.85 14.57 4.17
C GLN A 253 25.02 13.65 5.36
N TYR A 254 23.92 13.21 5.97
CA TYR A 254 24.00 12.26 7.07
C TYR A 254 24.62 10.94 6.63
N LEU A 255 24.23 10.46 5.44
CA LEU A 255 24.80 9.22 4.92
C LEU A 255 26.29 9.36 4.68
N VAL A 256 26.72 10.48 4.10
CA VAL A 256 28.10 10.61 3.67
C VAL A 256 29.02 10.90 4.85
N GLN A 257 28.67 11.85 5.70
CA GLN A 257 29.59 12.31 6.73
C GLN A 257 29.86 11.25 7.80
N ASN A 258 28.92 10.32 7.99
CA ASN A 258 29.09 9.29 9.01
C ASN A 258 29.74 8.03 8.49
N SER A 259 30.16 7.99 7.23
CA SER A 259 30.79 6.82 6.63
C SER A 259 32.25 7.04 6.33
N VAL A 260 32.58 8.07 5.55
CA VAL A 260 33.97 8.35 5.22
C VAL A 260 34.63 9.21 6.30
N GLY A 261 33.93 10.23 6.77
CA GLY A 261 34.47 11.08 7.82
C GLY A 261 34.79 10.32 9.08
N ARG A 262 33.95 9.33 9.43
CA ARG A 262 34.22 8.51 10.59
C ARG A 262 35.50 7.71 10.40
N GLN A 263 35.70 7.14 9.21
CA GLN A 263 36.92 6.39 8.93
C GLN A 263 38.15 7.29 9.05
N TRP A 264 38.05 8.51 8.52
CA TRP A 264 39.18 9.44 8.64
C TRP A 264 39.45 9.81 10.09
N LEU A 265 38.38 10.09 10.86
CA LEU A 265 38.56 10.52 12.24
C LEU A 265 39.10 9.41 13.12
N GLN A 266 38.76 8.15 12.83
CA GLN A 266 39.28 7.05 13.64
C GLN A 266 40.80 7.00 13.58
N THR A 267 41.37 7.27 12.41
CA THR A 267 42.83 7.27 12.29
C THR A 267 43.44 8.52 12.93
N TYR A 268 42.83 9.68 12.73
CA TYR A 268 43.33 10.94 13.24
C TYR A 268 42.22 11.63 14.04
N PRO A 269 42.04 11.25 15.30
CA PRO A 269 41.02 11.91 16.12
C PRO A 269 41.26 13.40 16.33
N ASP A 270 42.50 13.86 16.21
CA ASP A 270 42.84 15.27 16.42
C ASP A 270 42.97 15.93 15.05
N SER A 271 41.83 16.28 14.47
CA SER A 271 41.79 16.96 13.18
C SER A 271 40.69 18.01 13.18
N PRO A 272 40.89 19.13 12.47
CA PRO A 272 39.86 20.17 12.36
C PRO A 272 38.84 19.89 11.26
N LEU A 273 38.31 18.67 11.24
CA LEU A 273 37.31 18.26 10.27
C LEU A 273 35.94 17.99 10.87
N LYS A 274 35.89 17.50 12.12
CA LYS A 274 34.62 17.22 12.76
C LYS A 274 33.77 18.49 12.90
N ASP A 275 34.42 19.65 13.04
CA ASP A 275 33.69 20.90 13.15
C ASP A 275 32.85 21.17 11.90
N LYS A 276 33.42 20.91 10.73
CA LYS A 276 32.71 21.17 9.48
C LYS A 276 31.55 20.20 9.28
N MET A 277 31.71 18.95 9.70
CA MET A 277 30.68 17.92 9.53
C MET A 277 29.66 18.10 10.66
N GLU A 278 28.50 18.65 10.32
CA GLU A 278 27.47 18.91 11.33
C GLU A 278 26.73 17.65 11.73
N TYR A 279 26.66 16.66 10.84
CA TYR A 279 25.86 15.45 11.08
C TYR A 279 26.68 14.29 11.60
N TYR A 280 27.93 14.52 11.99
CA TYR A 280 28.73 13.45 12.57
C TYR A 280 28.13 13.01 13.90
N ILE A 281 28.20 11.70 14.16
CA ILE A 281 27.60 11.11 15.34
C ILE A 281 28.71 10.69 16.29
N GLU A 282 28.64 11.19 17.52
CA GLU A 282 29.62 10.82 18.53
C GLU A 282 29.39 9.40 19.00
N PRO A 283 30.37 8.50 18.90
CA PRO A 283 30.17 7.12 19.34
C PRO A 283 29.94 7.05 20.85
N ALA A 284 29.18 6.04 21.25
CA ALA A 284 28.90 5.82 22.66
C ALA A 284 30.07 5.10 23.33
N GLU A 285 29.96 4.94 24.65
CA GLU A 285 30.99 4.25 25.41
C GLU A 285 31.01 2.78 25.04
N GLN A 286 32.20 2.18 25.19
CA GLN A 286 32.40 0.77 24.89
C GLN A 286 33.20 0.12 26.00
N THR A 287 33.02 -1.19 26.13
CA THR A 287 33.76 -1.94 27.13
C THR A 287 35.25 -1.97 26.77
N PRO A 288 36.13 -2.12 27.75
CA PRO A 288 37.57 -2.15 27.45
C PRO A 288 37.95 -3.24 26.46
N GLU A 289 37.28 -4.39 26.50
CA GLU A 289 37.57 -5.44 25.52
C GLU A 289 37.22 -4.99 24.11
N VAL A 290 36.07 -4.34 23.95
CA VAL A 290 35.67 -3.83 22.63
C VAL A 290 36.66 -2.78 22.14
N GLN A 291 37.06 -1.87 23.04
CA GLN A 291 38.02 -0.84 22.66
C GLN A 291 39.36 -1.45 22.24
N ALA A 292 39.83 -2.44 23.00
CA ALA A 292 41.09 -3.10 22.66
C ALA A 292 40.99 -3.81 21.32
N GLN A 293 39.88 -4.51 21.07
CA GLN A 293 39.73 -5.21 19.81
C GLN A 293 39.66 -4.25 18.64
N LEU A 294 38.91 -3.15 18.79
CA LEU A 294 38.79 -2.18 17.71
C LEU A 294 40.11 -1.47 17.43
N ALA A 295 40.84 -1.11 18.49
CA ALA A 295 42.12 -0.43 18.32
C ALA A 295 43.19 -1.35 17.75
N ALA A 296 42.98 -2.67 17.78
CA ALA A 296 43.94 -3.61 17.25
C ALA A 296 43.98 -3.64 15.73
N ILE A 297 42.99 -3.05 15.06
CA ILE A 297 42.91 -3.08 13.60
C ILE A 297 42.90 -1.70 12.97
N THR A 298 42.83 -0.63 13.76
CA THR A 298 42.81 0.71 13.20
C THR A 298 44.14 1.04 12.55
N PRO A 299 44.18 1.41 11.28
CA PRO A 299 45.46 1.68 10.63
C PRO A 299 46.15 2.91 11.22
N ALA A 300 47.48 2.86 11.23
CA ALA A 300 48.26 3.99 11.73
C ALA A 300 48.08 5.21 10.83
N SER A 301 48.10 5.02 9.52
CA SER A 301 47.93 6.11 8.59
C SER A 301 47.39 5.56 7.26
N ILE A 302 46.66 6.41 6.55
CA ILE A 302 46.07 6.05 5.26
C ILE A 302 46.42 7.13 4.26
N GLU A 303 46.94 6.71 3.10
CA GLU A 303 47.27 7.65 2.04
C GLU A 303 45.99 8.32 1.52
N PRO A 304 46.00 9.63 1.29
CA PRO A 304 44.80 10.29 0.76
C PRO A 304 44.33 9.71 -0.56
N GLU A 305 45.26 9.30 -1.43
CA GLU A 305 44.90 8.72 -2.72
C GLU A 305 44.77 7.21 -2.63
N SER A 306 43.98 6.75 -1.66
CA SER A 306 43.73 5.33 -1.50
C SER A 306 42.30 5.04 -1.07
N ILE A 307 41.42 6.03 -1.07
CA ILE A 307 40.03 5.88 -0.64
C ILE A 307 39.15 5.76 -1.87
N LYS A 308 38.28 4.76 -1.88
CA LYS A 308 37.42 4.47 -3.02
C LYS A 308 35.96 4.64 -2.61
N VAL A 309 35.21 5.37 -3.42
CA VAL A 309 33.77 5.56 -3.22
C VAL A 309 33.07 5.12 -4.49
N LEU A 310 32.07 4.25 -4.33
CA LEU A 310 31.35 3.64 -5.44
C LEU A 310 29.85 3.85 -5.27
N ASP A 311 29.18 4.17 -6.36
CA ASP A 311 27.72 4.35 -6.35
C ASP A 311 27.08 3.40 -7.36
N PRO A 312 26.44 2.31 -6.93
CA PRO A 312 25.76 1.42 -7.88
C PRO A 312 24.60 2.07 -8.60
N ALA A 313 24.01 3.13 -8.05
CA ALA A 313 22.88 3.81 -8.68
C ALA A 313 23.09 5.31 -8.47
N CYS A 314 23.69 5.97 -9.47
CA CYS A 314 24.04 7.37 -9.32
C CYS A 314 22.85 8.29 -9.57
N GLY A 315 22.30 8.24 -10.78
CA GLY A 315 21.25 9.16 -11.15
C GLY A 315 21.77 10.58 -11.32
N SER A 316 21.30 11.51 -10.49
CA SER A 316 21.79 12.87 -10.56
C SER A 316 23.26 12.96 -10.18
N GLY A 317 23.67 12.23 -9.15
CA GLY A 317 25.04 12.28 -8.68
C GLY A 317 25.30 13.19 -7.51
N HIS A 318 24.26 13.67 -6.82
CA HIS A 318 24.45 14.57 -5.68
C HIS A 318 25.25 13.90 -4.57
N ILE A 319 25.09 12.58 -4.40
CA ILE A 319 25.91 11.86 -3.43
C ILE A 319 27.39 12.00 -3.79
N LEU A 320 27.70 11.87 -5.08
CA LEU A 320 29.07 12.08 -5.52
C LEU A 320 29.53 13.52 -5.27
N THR A 321 28.61 14.48 -5.37
CA THR A 321 28.98 15.86 -5.08
C THR A 321 29.35 16.03 -3.61
N GLU A 322 28.57 15.43 -2.70
CA GLU A 322 28.92 15.50 -1.29
C GLU A 322 30.24 14.82 -1.01
N ALA A 323 30.46 13.66 -1.63
CA ALA A 323 31.74 12.97 -1.48
C ALA A 323 32.89 13.83 -1.97
N TYR A 324 32.70 14.51 -3.10
CA TYR A 324 33.72 15.42 -3.62
C TYR A 324 33.99 16.55 -2.65
N ASN A 325 32.93 17.10 -2.03
CA ASN A 325 33.13 18.15 -1.05
C ASN A 325 33.98 17.67 0.12
N VAL A 326 33.64 16.49 0.65
CA VAL A 326 34.38 15.97 1.80
C VAL A 326 35.83 15.68 1.43
N LEU A 327 36.05 15.10 0.25
CA LEU A 327 37.41 14.80 -0.18
C LEU A 327 38.21 16.07 -0.44
N LYS A 328 37.57 17.09 -0.98
CA LYS A 328 38.24 18.38 -1.14
C LYS A 328 38.64 18.95 0.21
N ALA A 329 37.76 18.86 1.20
CA ALA A 329 38.11 19.32 2.54
C ALA A 329 39.31 18.55 3.08
N ILE A 330 39.33 17.23 2.89
CA ILE A 330 40.44 16.42 3.38
C ILE A 330 41.75 16.83 2.69
N TYR A 331 41.71 16.98 1.37
CA TYR A 331 42.91 17.34 0.63
C TYR A 331 43.41 18.72 1.03
N GLU A 332 42.50 19.68 1.22
CA GLU A 332 42.91 21.01 1.68
C GLU A 332 43.53 20.93 3.07
N GLU A 333 42.97 20.09 3.94
CA GLU A 333 43.56 19.92 5.27
C GLU A 333 44.95 19.33 5.18
N ARG A 334 45.17 18.38 4.28
CA ARG A 334 46.49 17.78 4.12
C ARG A 334 47.52 18.82 3.67
N GLY A 335 47.16 19.65 2.70
CA GLY A 335 48.04 20.73 2.29
C GLY A 335 48.57 20.65 0.87
N TYR A 336 47.82 20.03 -0.02
CA TYR A 336 48.19 20.03 -1.43
C TYR A 336 47.89 21.39 -2.06
N ARG A 337 48.46 21.62 -3.24
CA ARG A 337 48.17 22.84 -3.97
C ARG A 337 46.69 22.88 -4.35
N THR A 338 46.06 24.03 -4.11
CA THR A 338 44.61 24.11 -4.16
C THR A 338 44.06 23.78 -5.54
N ARG A 339 44.57 24.45 -6.57
CA ARG A 339 44.02 24.25 -7.92
C ARG A 339 44.36 22.89 -8.48
N ASP A 340 45.34 22.19 -7.91
CA ASP A 340 45.61 20.82 -8.31
C ASP A 340 44.64 19.82 -7.68
N ILE A 341 43.92 20.23 -6.64
CA ILE A 341 43.07 19.29 -5.91
C ILE A 341 41.96 18.70 -6.78
N PRO A 342 41.17 19.48 -7.54
CA PRO A 342 40.02 18.87 -8.23
C PRO A 342 40.36 17.71 -9.14
N GLN A 343 41.27 17.91 -10.10
CA GLN A 343 41.55 16.88 -11.09
C GLN A 343 41.96 15.57 -10.42
N LEU A 344 42.86 15.64 -9.45
CA LEU A 344 43.29 14.44 -8.75
C LEU A 344 42.11 13.70 -8.15
N ILE A 345 41.16 14.43 -7.56
CA ILE A 345 39.99 13.79 -6.96
C ILE A 345 39.21 13.04 -8.03
N LEU A 346 39.12 13.61 -9.23
CA LEU A 346 38.39 12.93 -10.30
C LEU A 346 39.16 11.77 -10.90
N GLU A 347 40.35 11.46 -10.40
CA GLU A 347 41.15 10.38 -10.96
C GLU A 347 40.85 9.04 -10.30
N ASN A 348 41.06 8.95 -8.98
CA ASN A 348 40.96 7.67 -8.27
C ASN A 348 40.20 7.84 -6.97
N ASN A 349 39.06 8.53 -7.01
CA ASN A 349 38.24 8.70 -5.82
C ASN A 349 36.75 8.53 -6.04
N ILE A 350 36.27 8.54 -7.27
CA ILE A 350 34.84 8.46 -7.56
C ILE A 350 34.61 7.36 -8.59
N PHE A 351 33.61 6.52 -8.34
CA PHE A 351 33.20 5.51 -9.31
C PHE A 351 31.70 5.39 -9.29
N GLY A 352 31.08 5.38 -10.47
CA GLY A 352 29.63 5.34 -10.55
C GLY A 352 29.09 4.49 -11.68
N LEU A 353 28.14 3.62 -11.36
CA LEU A 353 27.46 2.81 -12.35
C LEU A 353 25.99 3.20 -12.41
N ASP A 354 25.41 3.12 -13.60
CA ASP A 354 23.98 3.32 -13.76
C ASP A 354 23.48 2.44 -14.89
N ILE A 355 22.17 2.45 -15.11
CA ILE A 355 21.55 1.65 -16.14
C ILE A 355 20.93 2.50 -17.25
N ASP A 356 20.86 3.81 -17.09
CA ASP A 356 20.35 4.71 -18.11
C ASP A 356 21.46 5.62 -18.61
N ASP A 357 21.54 5.78 -19.92
CA ASP A 357 22.54 6.68 -20.50
C ASP A 357 22.28 8.12 -20.09
N ARG A 358 21.00 8.52 -20.02
CA ARG A 358 20.65 9.88 -19.63
C ARG A 358 21.16 10.19 -18.23
N ALA A 359 20.99 9.26 -17.29
CA ALA A 359 21.47 9.48 -15.93
C ALA A 359 22.98 9.62 -15.90
N ALA A 360 23.69 8.80 -16.67
CA ALA A 360 25.14 8.91 -16.71
C ALA A 360 25.58 10.25 -17.27
N GLN A 361 24.93 10.71 -18.33
CA GLN A 361 25.28 12.01 -18.90
C GLN A 361 25.02 13.14 -17.91
N LEU A 362 23.88 13.09 -17.22
CA LEU A 362 23.57 14.11 -16.23
C LEU A 362 24.60 14.11 -15.10
N SER A 363 24.98 12.93 -14.62
CA SER A 363 25.97 12.85 -13.55
C SER A 363 27.31 13.40 -14.00
N GLY A 364 27.75 13.04 -15.20
CA GLY A 364 29.01 13.56 -15.71
C GLY A 364 28.99 15.07 -15.84
N PHE A 365 27.90 15.62 -16.39
CA PHE A 365 27.80 17.07 -16.52
C PHE A 365 27.80 17.75 -15.15
N ALA A 366 27.08 17.19 -14.19
CA ALA A 366 27.03 17.79 -12.86
C ALA A 366 28.41 17.79 -12.21
N MET A 367 29.12 16.67 -12.29
CA MET A 367 30.46 16.61 -11.70
C MET A 367 31.41 17.57 -12.40
N LEU A 368 31.34 17.65 -13.72
CA LEU A 368 32.21 18.57 -14.45
C LEU A 368 31.93 20.02 -14.06
N MET A 369 30.64 20.39 -13.95
CA MET A 369 30.31 21.75 -13.55
C MET A 369 30.78 22.05 -12.13
N LEU A 370 30.60 21.09 -11.22
CA LEU A 370 31.06 21.30 -9.85
C LEU A 370 32.56 21.49 -9.80
N ALA A 371 33.31 20.69 -10.56
CA ALA A 371 34.77 20.86 -10.61
C ALA A 371 35.14 22.21 -11.23
N ARG A 372 34.43 22.62 -12.29
CA ARG A 372 34.72 23.89 -12.95
C ARG A 372 34.47 25.07 -12.04
N GLN A 373 33.47 24.97 -11.15
CA GLN A 373 33.11 26.09 -10.30
C GLN A 373 34.30 26.60 -9.48
N ASP A 374 35.21 25.70 -9.09
CA ASP A 374 36.36 26.08 -8.29
C ASP A 374 37.65 26.17 -9.09
N ASP A 375 37.88 25.26 -10.03
CA ASP A 375 39.09 25.30 -10.85
C ASP A 375 38.79 25.97 -12.18
N ARG A 376 39.61 26.96 -12.53
CA ARG A 376 39.40 27.72 -13.77
C ARG A 376 40.03 27.06 -14.98
N ARG A 377 41.11 26.29 -14.79
CA ARG A 377 41.86 25.74 -15.91
C ARG A 377 41.35 24.36 -16.34
N ILE A 378 40.20 23.93 -15.82
CA ILE A 378 39.59 22.67 -16.23
C ILE A 378 39.08 22.84 -17.67
N LEU A 379 38.73 21.73 -18.31
CA LEU A 379 38.31 21.64 -19.70
C LEU A 379 39.46 21.88 -20.67
N GLY A 380 40.66 22.20 -20.18
CA GLY A 380 41.82 22.33 -21.03
C GLY A 380 42.65 21.07 -20.99
N ARG A 381 42.29 20.15 -20.11
CA ARG A 381 42.99 18.88 -19.94
C ARG A 381 42.01 17.74 -20.16
N GLY A 382 42.48 16.69 -20.85
CA GLY A 382 41.64 15.56 -21.16
C GLY A 382 41.41 14.63 -19.98
N VAL A 383 40.70 15.11 -18.96
CA VAL A 383 40.40 14.29 -17.80
C VAL A 383 39.29 13.31 -18.15
N ARG A 384 39.53 12.04 -17.89
CA ARG A 384 38.59 10.97 -18.21
C ARG A 384 37.88 10.53 -16.93
N LEU A 385 36.55 10.45 -17.01
CA LEU A 385 35.74 10.14 -15.85
C LEU A 385 35.56 8.63 -15.70
N ASN A 386 34.75 8.24 -14.71
CA ASN A 386 34.48 6.82 -14.47
C ASN A 386 33.02 6.55 -14.16
N ILE A 387 32.12 7.44 -14.56
CA ILE A 387 30.68 7.25 -14.36
C ILE A 387 30.12 6.71 -15.67
N VAL A 388 29.66 5.46 -15.66
CA VAL A 388 29.27 4.78 -16.89
C VAL A 388 27.94 4.07 -16.71
N SER A 389 27.40 3.61 -17.84
CA SER A 389 26.18 2.84 -17.90
C SER A 389 26.46 1.49 -18.55
N LEU A 390 25.74 0.46 -18.11
CA LEU A 390 25.97 -0.88 -18.62
C LEU A 390 25.55 -0.99 -20.07
N GLN A 391 26.21 -1.89 -20.80
CA GLN A 391 25.96 -2.10 -22.22
C GLN A 391 25.76 -3.59 -22.50
N GLU A 392 24.81 -3.89 -23.39
CA GLU A 392 24.54 -5.27 -23.75
C GLU A 392 25.65 -5.83 -24.63
N SER A 393 25.81 -7.15 -24.60
CA SER A 393 26.89 -7.83 -25.30
C SER A 393 26.30 -8.58 -26.50
N LYS A 394 26.48 -8.01 -27.70
CA LYS A 394 26.11 -8.69 -28.94
C LYS A 394 27.06 -8.20 -30.02
N LEU A 395 28.16 -8.92 -30.21
CA LEU A 395 29.21 -8.50 -31.13
C LEU A 395 29.88 -9.74 -31.72
N ASP A 396 30.61 -9.52 -32.81
CA ASP A 396 31.38 -10.59 -33.42
C ASP A 396 32.50 -11.05 -32.48
N ILE A 397 32.66 -12.37 -32.37
CA ILE A 397 33.59 -12.92 -31.39
C ILE A 397 35.03 -12.63 -31.79
N ALA A 398 35.37 -12.83 -33.06
CA ALA A 398 36.75 -12.73 -33.51
C ALA A 398 36.99 -11.72 -34.62
N GLU A 399 35.94 -11.25 -35.29
CA GLU A 399 36.13 -10.27 -36.36
C GLU A 399 36.77 -8.98 -35.82
N VAL A 400 36.27 -8.50 -34.69
CA VAL A 400 36.89 -7.33 -34.06
C VAL A 400 38.30 -7.68 -33.59
N TRP A 401 38.49 -8.92 -33.12
CA TRP A 401 39.84 -9.36 -32.75
C TRP A 401 40.75 -9.39 -33.97
N THR A 402 40.25 -9.86 -35.11
CA THR A 402 41.05 -9.87 -36.33
C THR A 402 41.41 -8.46 -36.76
N LYS A 403 40.44 -7.53 -36.69
CA LYS A 403 40.73 -6.14 -36.99
C LYS A 403 41.68 -5.51 -35.98
N LEU A 404 41.76 -6.06 -34.77
CA LEU A 404 42.70 -5.54 -33.78
C LEU A 404 44.14 -5.70 -34.24
N ASN A 405 44.47 -6.86 -34.81
CA ASN A 405 45.83 -7.16 -35.25
C ASN A 405 46.84 -6.91 -34.13
N PHE A 406 46.59 -7.56 -32.99
CA PHE A 406 47.37 -7.29 -31.79
C PHE A 406 48.83 -7.66 -31.97
N HIS A 407 49.10 -8.79 -32.61
CA HIS A 407 50.49 -9.23 -32.79
C HIS A 407 51.28 -8.27 -33.67
N GLN A 408 50.63 -7.63 -34.63
CA GLN A 408 51.34 -6.69 -35.50
C GLN A 408 51.90 -5.53 -34.71
N HIS A 409 51.15 -5.02 -33.74
CA HIS A 409 51.63 -3.87 -32.97
C HIS A 409 52.58 -4.31 -31.86
N MET A 410 52.09 -5.07 -30.88
CA MET A 410 52.95 -5.54 -29.80
C MET A 410 53.07 -7.06 -29.75
N GLN A 411 51.97 -7.79 -29.57
CA GLN A 411 51.99 -9.23 -29.39
C GLN A 411 50.55 -9.71 -29.23
N ARG A 412 50.39 -11.03 -29.08
CA ARG A 412 49.11 -11.65 -28.72
C ARG A 412 48.03 -11.40 -29.77
N GLY A 413 48.35 -11.78 -31.01
CA GLY A 413 47.43 -11.55 -32.10
C GLY A 413 46.65 -12.77 -32.55
N SER A 414 47.33 -13.91 -32.66
CA SER A 414 46.71 -15.14 -33.17
C SER A 414 46.17 -16.02 -32.04
N MET A 415 47.05 -16.46 -31.14
CA MET A 415 46.66 -17.40 -30.09
C MET A 415 47.09 -16.97 -28.68
N GLY A 416 47.92 -15.94 -28.54
CA GLY A 416 48.40 -15.54 -27.24
C GLY A 416 47.37 -14.73 -26.48
N ASP A 417 47.06 -15.18 -25.26
CA ASP A 417 46.13 -14.46 -24.39
C ASP A 417 46.75 -14.30 -23.00
N MET A 418 45.96 -13.87 -22.02
CA MET A 418 46.41 -13.96 -20.64
C MET A 418 46.77 -15.40 -20.28
N PHE A 419 46.10 -16.37 -20.88
CA PHE A 419 46.45 -17.78 -20.82
C PHE A 419 46.71 -18.27 -22.25
N THR A 420 46.88 -19.58 -22.39
CA THR A 420 47.07 -20.14 -23.72
C THR A 420 45.74 -20.19 -24.47
N GLN A 421 45.84 -20.36 -25.79
CA GLN A 421 44.64 -20.41 -26.62
C GLN A 421 43.78 -21.62 -26.28
N GLY A 422 44.42 -22.77 -26.06
CA GLY A 422 43.68 -24.01 -25.82
C GLY A 422 43.55 -24.38 -24.35
N THR A 423 43.65 -23.40 -23.46
CA THR A 423 43.54 -23.67 -22.03
C THR A 423 42.15 -24.21 -21.68
N ALA A 424 41.11 -23.67 -22.31
CA ALA A 424 39.72 -24.09 -22.08
C ALA A 424 39.34 -23.89 -20.61
N LEU A 425 39.49 -22.66 -20.14
CA LEU A 425 39.10 -22.31 -18.78
C LEU A 425 37.60 -22.02 -18.73
N ALA A 426 36.91 -22.66 -17.80
CA ALA A 426 35.45 -22.54 -17.63
C ALA A 426 34.81 -22.99 -18.95
N ASN A 427 33.83 -22.26 -19.47
CA ASN A 427 33.17 -22.62 -20.72
C ASN A 427 33.45 -21.66 -21.86
N THR A 428 33.82 -20.41 -21.55
CA THR A 428 34.08 -19.43 -22.62
C THR A 428 35.27 -19.84 -23.47
N ASP A 429 36.31 -20.37 -22.83
CA ASP A 429 37.55 -20.80 -23.51
C ASP A 429 38.17 -19.58 -24.18
N SER A 430 38.94 -19.80 -25.26
CA SER A 430 39.57 -18.68 -25.97
C SER A 430 39.67 -19.05 -27.45
N ALA A 431 38.67 -18.62 -28.22
CA ALA A 431 38.82 -18.61 -29.66
C ALA A 431 39.85 -17.56 -30.08
N GLU A 432 39.86 -16.42 -29.39
CA GLU A 432 40.85 -15.38 -29.60
C GLU A 432 41.45 -14.80 -28.33
N TYR A 433 40.78 -14.92 -27.17
CA TYR A 433 41.34 -14.45 -25.91
C TYR A 433 40.55 -15.05 -24.77
N LYS A 434 41.28 -15.48 -23.72
CA LYS A 434 40.63 -16.08 -22.56
C LYS A 434 39.85 -15.04 -21.75
N LEU A 435 40.55 -14.01 -21.28
CA LEU A 435 39.92 -13.01 -20.43
C LEU A 435 38.79 -12.29 -21.16
N LEU A 436 38.97 -12.02 -22.45
CA LEU A 436 37.93 -11.35 -23.23
C LEU A 436 36.66 -12.18 -23.27
N MET A 437 36.79 -13.47 -23.58
CA MET A 437 35.61 -14.33 -23.64
C MET A 437 34.95 -14.48 -22.29
N ARG A 438 35.75 -14.66 -21.23
CA ARG A 438 35.19 -14.79 -19.89
C ARG A 438 34.43 -13.54 -19.49
N THR A 439 34.99 -12.36 -19.78
CA THR A 439 34.32 -11.11 -19.45
C THR A 439 33.04 -10.94 -20.25
N LEU A 440 33.09 -11.22 -21.56
CA LEU A 440 31.92 -11.01 -22.40
C LEU A 440 30.79 -11.96 -22.06
N ALA A 441 31.11 -13.19 -21.66
CA ALA A 441 30.06 -14.18 -21.39
C ALA A 441 29.18 -13.80 -20.20
N LEU A 442 29.64 -12.90 -19.33
CA LEU A 442 28.92 -12.57 -18.11
C LEU A 442 27.98 -11.38 -18.26
N PHE A 443 27.86 -10.81 -19.46
CA PHE A 443 27.00 -9.66 -19.71
C PHE A 443 25.99 -9.96 -20.80
N THR A 444 25.50 -11.20 -20.84
CA THR A 444 24.53 -11.59 -21.86
C THR A 444 23.22 -10.83 -21.70
N SER A 445 22.75 -10.66 -20.46
CA SER A 445 21.50 -9.96 -20.17
C SER A 445 21.76 -8.87 -19.14
N ALA A 446 22.79 -8.05 -19.38
CA ALA A 446 23.14 -7.00 -18.43
C ALA A 446 22.02 -6.00 -18.27
N LYS A 447 21.35 -5.61 -19.37
CA LYS A 447 20.26 -4.66 -19.27
C LYS A 447 19.12 -5.19 -18.42
N THR A 448 18.94 -6.51 -18.38
CA THR A 448 17.88 -7.09 -17.57
C THR A 448 18.22 -7.04 -16.08
N LEU A 449 19.46 -7.36 -15.73
CA LEU A 449 19.83 -7.50 -14.33
C LEU A 449 20.32 -6.20 -13.72
N GLY A 450 21.39 -5.63 -14.28
CA GLY A 450 21.95 -4.41 -13.72
C GLY A 450 23.25 -4.65 -12.98
N SER A 451 23.41 -3.97 -11.85
CA SER A 451 24.65 -3.99 -11.08
C SER A 451 24.78 -5.23 -10.20
N LEU A 452 23.97 -6.26 -10.42
CA LEU A 452 23.99 -7.45 -9.58
C LEU A 452 24.88 -8.56 -10.13
N ILE A 453 25.55 -8.33 -11.25
CA ILE A 453 26.42 -9.34 -11.82
C ILE A 453 27.74 -9.37 -11.04
N GLN A 454 28.14 -10.56 -10.60
CA GLN A 454 29.34 -10.72 -9.80
C GLN A 454 30.54 -11.01 -10.70
N VAL A 455 31.67 -10.41 -10.36
CA VAL A 455 32.91 -10.58 -11.11
C VAL A 455 34.01 -11.02 -10.15
N PRO A 456 34.78 -12.06 -10.47
CA PRO A 456 35.87 -12.47 -9.58
C PRO A 456 36.90 -11.37 -9.43
N GLN A 457 37.44 -11.25 -8.21
CA GLN A 457 38.40 -10.19 -7.91
C GLN A 457 39.78 -10.49 -8.49
N GLU A 458 40.14 -11.77 -8.61
CA GLU A 458 41.48 -12.13 -9.03
C GLU A 458 41.82 -11.60 -10.42
N ASP A 459 40.81 -11.47 -11.28
CA ASP A 459 41.03 -10.96 -12.64
C ASP A 459 41.19 -9.46 -12.70
N GLU A 460 41.21 -8.77 -11.55
CA GLU A 460 41.21 -7.31 -11.57
C GLU A 460 42.46 -6.75 -12.25
N ALA A 461 43.64 -7.02 -11.66
CA ALA A 461 44.86 -6.33 -12.07
C ALA A 461 45.11 -6.48 -13.56
N ALA A 462 45.07 -7.72 -14.06
CA ALA A 462 45.29 -7.97 -15.48
C ALA A 462 44.39 -7.10 -16.34
N LEU A 463 43.09 -7.07 -16.00
CA LEU A 463 42.15 -6.24 -16.74
C LEU A 463 42.66 -4.81 -16.84
N LYS A 464 43.10 -4.25 -15.72
CA LYS A 464 43.63 -2.89 -15.72
C LYS A 464 44.70 -2.73 -16.79
N ALA A 465 45.68 -3.64 -16.80
CA ALA A 465 46.75 -3.57 -17.79
C ALA A 465 46.16 -3.59 -19.20
N PHE A 466 45.22 -4.49 -19.44
CA PHE A 466 44.58 -4.58 -20.74
C PHE A 466 44.00 -3.22 -21.13
N LEU A 467 43.32 -2.57 -20.19
CA LEU A 467 42.73 -1.27 -20.46
C LEU A 467 43.77 -0.31 -20.99
N GLU A 468 44.94 -0.27 -20.33
CA GLU A 468 46.00 0.64 -20.76
C GLU A 468 46.32 0.43 -22.23
N ARG A 469 46.40 -0.83 -22.65
CA ARG A 469 46.76 -1.10 -24.04
C ARG A 469 45.75 -0.47 -24.99
N LEU A 470 44.45 -0.59 -24.67
CA LEU A 470 43.44 0.03 -25.52
C LEU A 470 43.60 1.54 -25.55
N TYR A 471 43.98 2.14 -24.41
CA TYR A 471 44.20 3.57 -24.39
C TYR A 471 45.34 3.98 -25.30
N ARG A 472 46.31 3.09 -25.52
CA ARG A 472 47.38 3.36 -26.45
C ARG A 472 47.02 3.03 -27.89
N LEU A 473 45.87 2.40 -28.12
CA LEU A 473 45.43 2.06 -29.47
C LEU A 473 44.46 3.07 -30.05
N ALA A 474 43.76 3.83 -29.20
CA ALA A 474 42.82 4.83 -29.69
C ALA A 474 43.52 6.01 -30.35
N VAL A 475 44.79 6.22 -30.07
CA VAL A 475 45.55 7.32 -30.64
C VAL A 475 46.75 6.87 -31.47
N GLU A 476 47.32 5.70 -31.18
CA GLU A 476 48.55 5.28 -31.85
C GLU A 476 48.35 3.98 -32.63
N GLY A 477 47.25 3.90 -33.38
CA GLY A 477 46.99 2.74 -34.21
C GLY A 477 46.34 3.16 -35.50
N ASP A 478 46.14 2.18 -36.38
CA ASP A 478 45.48 2.46 -37.65
C ASP A 478 43.99 2.67 -37.42
N ILE A 479 43.28 2.97 -38.51
CA ILE A 479 41.85 3.25 -38.41
C ILE A 479 41.09 2.03 -37.89
N GLN A 480 41.42 0.85 -38.41
CA GLN A 480 40.76 -0.37 -37.95
C GLN A 480 41.04 -0.62 -36.49
N GLN A 481 42.29 -0.47 -36.06
CA GLN A 481 42.64 -0.64 -34.66
C GLN A 481 41.91 0.37 -33.78
N LYS A 482 41.86 1.63 -34.22
CA LYS A 482 41.19 2.66 -33.43
C LYS A 482 39.71 2.36 -33.29
N GLU A 483 39.05 1.97 -34.37
CA GLU A 483 37.60 1.69 -34.28
C GLU A 483 37.33 0.45 -33.45
N ALA A 484 38.19 -0.57 -33.56
CA ALA A 484 38.02 -1.76 -32.73
C ALA A 484 38.19 -1.41 -31.25
N ALA A 485 39.20 -0.59 -30.92
CA ALA A 485 39.41 -0.20 -29.54
C ALA A 485 38.23 0.63 -29.01
N ALA A 486 37.72 1.55 -29.84
CA ALA A 486 36.56 2.33 -29.42
C ALA A 486 35.36 1.43 -29.18
N GLU A 487 35.19 0.41 -30.03
CA GLU A 487 34.09 -0.53 -29.84
C GLU A 487 34.24 -1.33 -28.54
N LEU A 488 35.46 -1.75 -28.22
CA LEU A 488 35.67 -2.65 -27.10
C LEU A 488 35.92 -1.95 -25.77
N ILE A 489 36.10 -0.62 -25.76
CA ILE A 489 36.40 0.07 -24.51
C ILE A 489 35.33 -0.11 -23.44
N PRO A 490 34.04 0.16 -23.71
CA PRO A 490 33.08 0.21 -22.59
C PRO A 490 32.93 -1.08 -21.82
N TYR A 491 32.97 -2.23 -22.50
CA TYR A 491 32.80 -3.51 -21.80
C TYR A 491 33.95 -3.76 -20.83
N ILE A 492 35.18 -3.59 -21.30
CA ILE A 492 36.34 -3.77 -20.43
C ILE A 492 36.32 -2.76 -19.29
N GLN A 493 35.94 -1.52 -19.59
CA GLN A 493 35.91 -0.50 -18.54
C GLN A 493 34.92 -0.87 -17.44
N GLN A 494 33.70 -1.26 -17.83
CA GLN A 494 32.70 -1.60 -16.82
C GLN A 494 33.09 -2.85 -16.05
N ALA A 495 33.69 -3.84 -16.73
CA ALA A 495 34.13 -5.04 -16.03
C ALA A 495 35.20 -4.70 -14.99
N TRP A 496 36.17 -3.87 -15.36
CA TRP A 496 37.21 -3.48 -14.42
C TRP A 496 36.64 -2.70 -13.26
N ILE A 497 35.68 -1.82 -13.53
CA ILE A 497 35.04 -1.05 -12.45
C ILE A 497 34.34 -2.00 -11.48
N LEU A 498 33.62 -2.99 -12.01
CA LEU A 498 32.95 -3.95 -11.14
C LEU A 498 33.91 -4.90 -10.45
N ALA A 499 35.14 -5.03 -10.95
CA ALA A 499 36.08 -6.01 -10.42
C ALA A 499 36.91 -5.49 -9.25
N GLN A 500 36.75 -4.23 -8.86
CA GLN A 500 37.55 -3.67 -7.78
C GLN A 500 36.98 -4.07 -6.42
N ARG A 501 37.64 -3.59 -5.37
CA ARG A 501 37.18 -3.72 -4.00
C ARG A 501 37.24 -2.34 -3.36
N TYR A 502 36.13 -1.91 -2.77
CA TYR A 502 35.97 -0.53 -2.35
C TYR A 502 35.90 -0.44 -0.82
N ASP A 503 35.77 0.78 -0.33
CA ASP A 503 35.73 1.07 1.10
C ASP A 503 34.37 1.55 1.59
N ALA A 504 33.73 2.46 0.86
CA ALA A 504 32.43 3.00 1.25
C ALA A 504 31.48 2.95 0.06
N VAL A 505 30.26 2.48 0.31
CA VAL A 505 29.22 2.39 -0.70
C VAL A 505 28.01 3.17 -0.21
N VAL A 506 27.53 4.09 -1.03
CA VAL A 506 26.34 4.88 -0.74
C VAL A 506 25.40 4.75 -1.93
N ALA A 507 24.14 4.40 -1.67
CA ALA A 507 23.19 4.19 -2.75
C ALA A 507 21.78 4.33 -2.21
N ASN A 508 20.85 4.52 -3.15
CA ASN A 508 19.41 4.59 -2.88
C ASN A 508 18.74 3.57 -3.79
N PRO A 509 18.61 2.32 -3.36
CA PRO A 509 18.14 1.28 -4.27
C PRO A 509 16.72 1.57 -4.72
N PRO A 510 16.36 1.17 -5.93
CA PRO A 510 14.99 1.35 -6.40
C PRO A 510 14.02 0.43 -5.69
N TYR A 511 12.75 0.85 -5.67
CA TYR A 511 11.69 0.12 -5.00
C TYR A 511 10.85 -0.62 -6.04
N MET A 512 10.74 -1.93 -5.88
CA MET A 512 9.92 -2.74 -6.78
C MET A 512 9.61 -4.06 -6.13
N GLY A 513 8.34 -4.37 -5.95
CA GLY A 513 7.91 -5.60 -5.32
C GLY A 513 7.92 -6.77 -6.29
N GLY A 514 7.23 -7.84 -5.88
CA GLY A 514 7.15 -9.02 -6.71
C GLY A 514 6.38 -8.80 -8.00
N LYS A 515 5.36 -7.93 -7.98
CA LYS A 515 4.54 -7.70 -9.16
C LYS A 515 5.37 -7.12 -10.30
N GLY A 516 6.22 -6.13 -10.01
CA GLY A 516 6.98 -5.49 -11.06
C GLY A 516 7.96 -6.42 -11.75
N MET A 517 8.54 -7.36 -11.01
CA MET A 517 9.52 -8.27 -11.57
C MET A 517 8.87 -9.17 -12.62
N ASN A 518 9.56 -9.33 -13.75
CA ASN A 518 9.10 -10.20 -14.81
C ASN A 518 9.54 -11.64 -14.54
N GLY A 519 9.28 -12.54 -15.48
CA GLY A 519 9.63 -13.94 -15.26
C GLY A 519 11.13 -14.15 -15.16
N ASP A 520 11.90 -13.55 -16.07
CA ASP A 520 13.35 -13.73 -16.06
C ASP A 520 13.97 -13.15 -14.80
N LEU A 521 13.56 -11.94 -14.42
CA LEU A 521 14.08 -11.33 -13.21
C LEU A 521 13.73 -12.15 -11.98
N LYS A 522 12.49 -12.63 -11.91
CA LYS A 522 12.07 -13.42 -10.75
C LYS A 522 12.82 -14.74 -10.67
N GLU A 523 13.03 -15.41 -11.80
CA GLU A 523 13.75 -16.68 -11.77
C GLU A 523 15.23 -16.45 -11.42
N PHE A 524 15.81 -15.35 -11.90
CA PHE A 524 17.17 -15.02 -11.50
C PHE A 524 17.25 -14.76 -10.00
N ALA A 525 16.26 -14.03 -9.46
CA ALA A 525 16.22 -13.77 -8.03
C ALA A 525 16.11 -15.07 -7.23
N LYS A 526 15.24 -15.97 -7.68
CA LYS A 526 15.09 -17.26 -6.99
C LYS A 526 16.38 -18.06 -7.04
N LYS A 527 17.05 -18.06 -8.20
CA LYS A 527 18.28 -18.82 -8.36
C LYS A 527 19.41 -18.26 -7.49
N GLN A 528 19.54 -16.94 -7.43
CA GLN A 528 20.72 -16.32 -6.84
C GLN A 528 20.54 -15.90 -5.39
N PHE A 529 19.37 -15.40 -5.00
CA PHE A 529 19.14 -14.83 -3.68
C PHE A 529 17.94 -15.54 -3.04
N PRO A 530 18.15 -16.75 -2.52
CA PRO A 530 17.02 -17.45 -1.88
C PRO A 530 16.45 -16.74 -0.67
N ASP A 531 17.29 -16.06 0.11
CA ASP A 531 16.85 -15.44 1.36
C ASP A 531 16.32 -14.02 1.18
N SER A 532 16.47 -13.43 0.00
CA SER A 532 16.01 -12.06 -0.24
C SER A 532 15.23 -11.93 -1.53
N LYS A 533 14.73 -13.05 -2.07
CA LYS A 533 14.05 -13.04 -3.37
C LYS A 533 12.71 -12.32 -3.33
N SER A 534 12.20 -11.97 -2.14
CA SER A 534 10.89 -11.34 -2.05
C SER A 534 10.87 -9.99 -2.76
N ASP A 535 11.91 -9.18 -2.59
CA ASP A 535 11.93 -7.84 -3.15
C ASP A 535 13.33 -7.52 -3.66
N LEU A 536 13.39 -6.50 -4.53
CA LEU A 536 14.65 -6.11 -5.17
C LEU A 536 15.63 -5.53 -4.17
N PHE A 537 15.19 -4.59 -3.35
CA PHE A 537 16.12 -3.88 -2.47
C PHE A 537 16.75 -4.81 -1.44
N ALA A 538 16.04 -5.88 -1.05
CA ALA A 538 16.65 -6.86 -0.16
C ALA A 538 17.85 -7.52 -0.82
N MET A 539 17.70 -7.92 -2.09
CA MET A 539 18.84 -8.48 -2.82
C MET A 539 19.95 -7.45 -2.98
N PHE A 540 19.58 -6.19 -3.23
CA PHE A 540 20.57 -5.14 -3.37
C PHE A 540 21.39 -4.99 -2.09
N MET A 541 20.71 -4.95 -0.94
CA MET A 541 21.39 -4.83 0.34
C MET A 541 22.28 -6.04 0.61
N GLN A 542 21.78 -7.24 0.32
CA GLN A 542 22.58 -8.43 0.57
C GLN A 542 23.82 -8.46 -0.30
N HIS A 543 23.69 -8.06 -1.57
CA HIS A 543 24.81 -8.09 -2.51
C HIS A 543 25.80 -6.96 -2.27
N ALA A 544 25.37 -5.85 -1.69
CA ALA A 544 26.28 -4.71 -1.52
C ALA A 544 27.52 -5.07 -0.71
N PHE A 545 27.40 -6.04 0.20
CA PHE A 545 28.56 -6.44 1.00
C PHE A 545 29.62 -7.17 0.18
N SER A 546 29.26 -7.70 -1.00
CA SER A 546 30.20 -8.47 -1.78
C SER A 546 31.35 -7.64 -2.34
N LEU A 547 31.19 -6.31 -2.40
CA LEU A 547 32.24 -5.46 -2.93
C LEU A 547 33.11 -4.81 -1.86
N LEU A 548 32.63 -4.71 -0.63
CA LEU A 548 33.41 -4.10 0.44
C LEU A 548 34.61 -4.98 0.79
N LYS A 549 35.72 -4.33 1.10
CA LYS A 549 36.88 -5.01 1.66
C LYS A 549 36.78 -4.96 3.19
N GLU A 550 37.88 -5.33 3.86
CA GLU A 550 37.88 -5.29 5.32
C GLU A 550 37.74 -3.87 5.82
N ASN A 551 37.04 -3.71 6.95
CA ASN A 551 36.75 -2.40 7.55
C ASN A 551 36.04 -1.49 6.56
N GLY A 552 35.06 -2.04 5.85
CA GLY A 552 34.23 -1.27 4.93
C GLY A 552 33.06 -0.62 5.64
N PHE A 553 32.17 -0.05 4.83
CA PHE A 553 30.97 0.59 5.35
C PHE A 553 29.84 0.46 4.34
N ASN A 554 28.62 0.39 4.85
CA ASN A 554 27.44 0.34 4.01
C ASN A 554 26.41 1.32 4.57
N ALA A 555 26.08 2.35 3.80
CA ALA A 555 25.12 3.36 4.20
C ALA A 555 23.99 3.40 3.17
N GLN A 556 22.77 3.14 3.62
CA GLN A 556 21.66 3.05 2.69
C GLN A 556 20.37 3.54 3.32
N VAL A 557 19.46 4.01 2.47
CA VAL A 557 18.12 4.41 2.86
C VAL A 557 17.14 3.50 2.13
N ASN A 558 16.27 2.84 2.88
CA ASN A 558 15.36 1.87 2.26
C ASN A 558 14.13 1.68 3.15
N MET A 559 13.18 0.92 2.63
CA MET A 559 11.96 0.64 3.36
C MET A 559 12.25 -0.13 4.64
N GLN A 560 11.37 0.02 5.62
CA GLN A 560 11.54 -0.58 6.94
C GLN A 560 10.92 -1.96 7.05
N SER A 561 10.38 -2.50 5.95
CA SER A 561 9.67 -3.77 6.01
C SER A 561 10.55 -4.90 6.52
N TRP A 562 11.85 -4.85 6.22
CA TRP A 562 12.76 -5.91 6.66
C TRP A 562 13.02 -5.89 8.16
N MET A 563 12.60 -4.83 8.86
CA MET A 563 12.89 -4.73 10.28
C MET A 563 12.09 -5.72 11.11
N PHE A 564 10.85 -6.02 10.72
CA PHE A 564 9.98 -6.81 11.58
C PHE A 564 9.44 -8.06 10.89
N LEU A 565 9.18 -7.97 9.59
CA LEU A 565 8.48 -9.04 8.89
C LEU A 565 9.31 -10.34 8.90
N SER A 566 8.60 -11.46 9.01
CA SER A 566 9.27 -12.76 9.11
C SER A 566 9.84 -13.22 7.77
N SER A 567 9.37 -12.67 6.66
CA SER A 567 9.89 -13.08 5.35
C SER A 567 11.39 -12.78 5.25
N TYR A 568 11.81 -11.63 5.77
CA TYR A 568 13.22 -11.27 5.83
C TYR A 568 13.90 -11.78 7.10
N GLU A 569 13.18 -12.56 7.91
CA GLU A 569 13.68 -12.93 9.24
C GLU A 569 15.06 -13.56 9.17
N ALA A 570 15.21 -14.57 8.30
CA ALA A 570 16.50 -15.23 8.16
C ALA A 570 17.60 -14.23 7.81
N LEU A 571 17.29 -13.31 6.89
CA LEU A 571 18.23 -12.25 6.55
C LEU A 571 18.70 -11.53 7.80
N ARG A 572 17.76 -11.14 8.66
CA ARG A 572 18.14 -10.47 9.90
C ARG A 572 19.12 -11.31 10.69
N GLY A 573 18.84 -12.61 10.82
CA GLY A 573 19.79 -13.49 11.50
C GLY A 573 21.17 -13.44 10.87
N TRP A 574 21.21 -13.49 9.54
CA TRP A 574 22.50 -13.44 8.84
C TRP A 574 23.21 -12.12 9.10
N LEU A 575 22.46 -11.05 9.41
CA LEU A 575 23.10 -9.79 9.74
C LEU A 575 23.73 -9.84 11.13
N LEU A 576 23.10 -10.54 12.06
CA LEU A 576 23.52 -10.53 13.45
C LEU A 576 24.59 -11.56 13.77
N ASP A 577 25.14 -12.22 12.74
CA ASP A 577 26.17 -13.23 12.95
C ASP A 577 27.54 -12.83 12.40
N ASN A 578 27.58 -11.91 11.44
CA ASN A 578 28.84 -11.54 10.80
C ASN A 578 29.05 -10.05 10.64
N LYS A 579 28.05 -9.22 10.90
CA LYS A 579 28.14 -7.79 10.72
C LYS A 579 28.17 -7.09 12.09
N THR A 580 28.15 -5.76 12.04
CA THR A 580 28.17 -4.95 13.26
C THR A 580 27.52 -3.61 12.94
N PHE A 581 26.43 -3.31 13.62
CA PHE A 581 25.71 -2.07 13.37
C PHE A 581 26.53 -0.86 13.84
N ILE A 582 26.26 0.29 13.24
CA ILE A 582 26.88 1.53 13.68
C ILE A 582 25.79 2.53 14.04
N THR A 583 24.87 2.81 13.11
CA THR A 583 23.81 3.75 13.43
C THR A 583 22.61 3.50 12.54
N MET A 584 21.46 4.00 13.01
CA MET A 584 20.22 3.88 12.27
C MET A 584 19.30 5.02 12.67
N ALA A 585 18.68 5.66 11.67
CA ALA A 585 17.69 6.70 11.87
C ALA A 585 16.38 6.24 11.27
N HIS A 586 15.35 6.11 12.10
CA HIS A 586 14.03 5.67 11.68
C HIS A 586 13.19 6.90 11.38
N LEU A 587 12.86 7.11 10.11
CA LEU A 587 12.09 8.28 9.70
C LEU A 587 10.62 8.00 9.54
N GLY A 588 10.23 6.74 9.28
CA GLY A 588 8.83 6.41 9.12
C GLY A 588 8.23 7.11 7.93
N ALA A 589 6.95 7.44 8.05
CA ALA A 589 6.23 8.15 6.99
C ALA A 589 6.52 9.64 7.09
N ARG A 590 5.80 10.44 6.30
CA ARG A 590 5.88 11.89 6.28
C ARG A 590 7.25 12.42 5.87
N ALA A 591 8.11 11.56 5.35
CA ALA A 591 9.41 11.96 4.83
C ALA A 591 9.32 12.05 3.31
N PHE A 592 10.45 12.36 2.67
CA PHE A 592 10.53 12.52 1.22
C PHE A 592 9.52 13.57 0.74
N GLY A 593 9.83 14.82 1.06
CA GLY A 593 8.94 15.91 0.70
C GLY A 593 8.69 15.98 -0.79
N GLN A 594 7.62 16.73 -1.14
CA GLN A 594 7.14 16.87 -2.50
C GLN A 594 6.64 15.56 -3.09
N ILE A 595 6.29 14.59 -2.25
CA ILE A 595 5.76 13.31 -2.69
C ILE A 595 4.47 13.04 -1.92
N SER A 596 3.38 12.81 -2.66
CA SER A 596 2.11 12.50 -2.03
C SER A 596 2.10 11.06 -1.53
N GLY A 597 1.26 10.81 -0.52
CA GLY A 597 1.14 9.47 0.03
C GLY A 597 2.06 9.22 1.20
N GLU A 598 1.53 8.65 2.27
CA GLU A 598 2.31 8.33 3.47
C GLU A 598 2.72 6.87 3.53
N VAL A 599 2.49 6.10 2.46
CA VAL A 599 2.91 4.71 2.43
C VAL A 599 4.42 4.57 2.51
N VAL A 600 5.15 5.59 2.08
CA VAL A 600 6.61 5.55 2.06
C VAL A 600 7.10 5.68 3.50
N GLN A 601 7.51 4.57 4.10
CA GLN A 601 8.12 4.55 5.43
C GLN A 601 9.54 4.02 5.28
N THR A 602 10.52 4.89 5.49
CA THR A 602 11.91 4.58 5.17
C THR A 602 12.80 4.82 6.38
N THR A 603 13.95 4.15 6.36
CA THR A 603 14.97 4.30 7.39
C THR A 603 16.33 4.43 6.72
N ALA A 604 17.25 5.10 7.41
CA ALA A 604 18.60 5.34 6.91
C ALA A 604 19.59 4.74 7.89
N TRP A 605 20.38 3.77 7.42
CA TRP A 605 21.24 3.02 8.32
C TRP A 605 22.66 2.94 7.78
N VAL A 606 23.60 2.87 8.72
CA VAL A 606 25.02 2.72 8.43
C VAL A 606 25.54 1.53 9.23
N ILE A 607 26.12 0.56 8.52
CA ILE A 607 26.53 -0.72 9.07
C ILE A 607 27.96 -1.01 8.67
N LYS A 608 28.75 -1.54 9.60
CA LYS A 608 30.14 -1.88 9.34
C LYS A 608 30.20 -3.23 8.62
N ASN A 609 31.41 -3.79 8.50
CA ASN A 609 31.61 -5.05 7.81
C ASN A 609 32.05 -6.19 8.71
N ASN A 610 32.90 -5.92 9.71
CA ASN A 610 33.39 -6.97 10.59
C ASN A 610 32.30 -7.36 11.59
N HIS A 611 32.60 -8.37 12.42
CA HIS A 611 31.65 -8.90 13.38
C HIS A 611 32.16 -8.62 14.79
N SER A 612 31.33 -7.95 15.60
CA SER A 612 31.65 -7.72 17.01
C SER A 612 30.32 -7.51 17.72
N GLY A 613 29.85 -8.55 18.42
CA GLY A 613 28.51 -8.53 18.98
C GLY A 613 28.33 -7.70 20.23
N PHE A 614 29.40 -7.20 20.83
CA PHE A 614 29.32 -6.47 22.08
C PHE A 614 29.40 -4.95 21.88
N TYR A 615 29.40 -4.48 20.65
CA TYR A 615 29.39 -3.05 20.39
C TYR A 615 28.01 -2.46 20.69
N LYS A 616 27.99 -1.17 21.02
CA LYS A 616 26.75 -0.48 21.33
C LYS A 616 26.42 0.50 20.21
N PRO A 617 25.34 0.31 19.49
CA PRO A 617 24.98 1.23 18.41
C PRO A 617 24.22 2.44 18.95
N VAL A 618 23.94 3.38 18.06
CA VAL A 618 23.20 4.60 18.37
C VAL A 618 21.96 4.65 17.47
N PHE A 619 20.80 4.83 18.08
CA PHE A 619 19.55 4.91 17.35
C PHE A 619 18.94 6.30 17.47
N PHE A 620 17.83 6.49 16.75
CA PHE A 620 17.09 7.74 16.81
C PHE A 620 15.62 7.44 16.58
N ARG A 621 14.77 8.37 17.00
CA ARG A 621 13.32 8.24 16.89
C ARG A 621 12.78 9.56 16.34
N LEU A 622 12.58 9.63 15.03
CA LEU A 622 12.11 10.82 14.34
C LEU A 622 10.89 10.49 13.49
N VAL A 623 9.91 9.82 14.10
CA VAL A 623 8.75 9.36 13.36
C VAL A 623 7.66 10.43 13.30
N ASP A 624 7.30 10.99 14.45
CA ASP A 624 6.14 11.87 14.56
C ASP A 624 6.58 13.32 14.44
N ASP A 625 6.91 13.72 13.20
CA ASP A 625 7.29 15.09 12.90
C ASP A 625 7.18 15.30 11.39
N ASN A 626 7.18 16.57 11.00
CA ASN A 626 7.27 16.92 9.59
C ASN A 626 8.75 17.01 9.19
N GLU A 627 8.99 17.32 7.92
CA GLU A 627 10.35 17.29 7.39
C GLU A 627 11.26 18.29 8.12
N GLU A 628 10.80 19.54 8.24
CA GLU A 628 11.59 20.54 8.95
C GLU A 628 11.79 20.16 10.40
N HIS A 629 10.74 19.67 11.06
CA HIS A 629 10.85 19.26 12.45
C HIS A 629 11.79 18.07 12.61
N LYS A 630 11.74 17.12 11.67
CA LYS A 630 12.68 16.01 11.70
C LYS A 630 14.12 16.50 11.58
N LYS A 631 14.37 17.44 10.65
CA LYS A 631 15.71 17.97 10.48
C LYS A 631 16.18 18.69 11.74
N ASN A 632 15.29 19.49 12.35
CA ASN A 632 15.65 20.20 13.58
C ASN A 632 15.96 19.22 14.70
N ASN A 633 15.13 18.19 14.86
CA ASN A 633 15.34 17.22 15.93
C ASN A 633 16.67 16.48 15.73
N LEU A 634 16.98 16.10 14.49
CA LEU A 634 18.27 15.48 14.23
C LEU A 634 19.41 16.45 14.53
N LEU A 635 19.22 17.73 14.21
CA LEU A 635 20.22 18.73 14.56
C LEU A 635 20.37 18.85 16.08
N ASN A 636 19.26 18.80 16.81
CA ASN A 636 19.27 18.95 18.25
C ASN A 636 19.53 17.65 18.99
N ARG A 637 19.73 16.54 18.27
CA ARG A 637 19.99 15.23 18.87
C ARG A 637 18.86 14.83 19.82
N MET A 638 17.66 14.70 19.24
CA MET A 638 16.46 14.36 19.99
C MET A 638 16.19 12.86 19.91
N ASN A 639 15.67 12.33 21.01
CA ASN A 639 15.24 10.93 21.09
C ASN A 639 16.38 9.96 20.80
N CYS A 640 17.40 10.03 21.65
CA CYS A 640 18.55 9.16 21.54
C CYS A 640 18.33 7.87 22.33
N PHE A 641 19.08 6.83 21.96
CA PHE A 641 18.99 5.53 22.62
C PHE A 641 20.36 4.88 22.59
N LYS A 642 20.96 4.72 23.76
CA LYS A 642 22.29 4.10 23.88
C LYS A 642 22.32 3.12 25.03
N ASN A 643 21.27 2.31 25.17
CA ASN A 643 21.16 1.34 26.25
C ASN A 643 20.73 -0.03 25.71
N THR A 644 21.38 -0.47 24.64
CA THR A 644 21.06 -1.75 24.04
C THR A 644 22.31 -2.37 23.47
N LEU A 645 22.49 -3.67 23.72
CA LEU A 645 23.56 -4.45 23.13
C LEU A 645 23.06 -5.18 21.90
N GLN A 646 23.94 -5.34 20.91
CA GLN A 646 23.54 -5.96 19.65
C GLN A 646 23.10 -7.41 19.85
N ASN A 647 23.81 -8.15 20.70
CA ASN A 647 23.49 -9.55 20.93
C ASN A 647 22.11 -9.74 21.56
N ASP A 648 21.58 -8.72 22.24
CA ASP A 648 20.30 -8.85 22.91
C ASP A 648 19.14 -9.03 21.94
N PHE A 649 19.31 -8.62 20.68
CA PHE A 649 18.23 -8.74 19.71
C PHE A 649 17.92 -10.20 19.37
N LYS A 650 18.83 -11.12 19.66
CA LYS A 650 18.64 -12.53 19.34
C LYS A 650 17.83 -13.28 20.39
N LYS A 651 17.44 -12.62 21.48
CA LYS A 651 16.65 -13.28 22.52
C LYS A 651 15.15 -13.17 22.28
N ILE A 652 14.69 -12.05 21.73
CA ILE A 652 13.27 -11.92 21.40
C ILE A 652 12.95 -12.86 20.23
N PRO A 653 11.91 -13.69 20.34
CA PRO A 653 11.57 -14.59 19.23
C PRO A 653 11.24 -13.81 17.97
N GLY A 654 11.66 -14.35 16.83
CA GLY A 654 11.54 -13.66 15.57
C GLY A 654 12.64 -12.67 15.27
N SER A 655 13.48 -12.36 16.26
CA SER A 655 14.58 -11.42 16.11
C SER A 655 14.16 -10.08 15.49
N PRO A 656 13.24 -9.34 16.12
CA PRO A 656 12.89 -8.01 15.62
C PRO A 656 13.72 -6.92 16.29
N ILE A 657 14.10 -5.93 15.48
CA ILE A 657 14.87 -4.80 15.99
C ILE A 657 13.90 -3.89 16.74
N ALA A 658 14.08 -3.77 18.06
CA ALA A 658 13.25 -2.93 18.92
C ALA A 658 14.19 -2.12 19.80
N TYR A 659 14.63 -0.96 19.29
CA TYR A 659 15.59 -0.15 20.03
C TYR A 659 14.97 0.49 21.27
N TRP A 660 13.75 1.01 21.14
CA TRP A 660 13.12 1.71 22.25
C TRP A 660 12.72 0.78 23.39
N ALA A 661 12.71 -0.53 23.15
CA ALA A 661 12.33 -1.47 24.19
C ALA A 661 13.33 -1.45 25.34
N THR A 662 12.82 -1.68 26.54
CA THR A 662 13.67 -1.69 27.73
C THR A 662 14.49 -2.98 27.78
N LEU A 663 15.29 -3.11 28.83
CA LEU A 663 16.15 -4.27 29.03
C LEU A 663 15.55 -5.30 29.98
N ALA A 664 14.91 -4.84 31.06
CA ALA A 664 14.28 -5.77 31.99
C ALA A 664 13.18 -6.58 31.32
N PHE A 665 12.43 -5.95 30.41
CA PHE A 665 11.41 -6.66 29.67
C PHE A 665 12.01 -7.80 28.84
N ILE A 666 13.10 -7.51 28.12
CA ILE A 666 13.75 -8.54 27.30
C ILE A 666 14.29 -9.65 28.18
N ASN A 667 14.91 -9.30 29.31
CA ASN A 667 15.44 -10.32 30.20
C ASN A 667 14.33 -11.20 30.76
N SER A 668 13.21 -10.60 31.18
CA SER A 668 12.09 -11.37 31.70
C SER A 668 11.41 -12.20 30.63
N PHE A 669 11.57 -11.84 29.36
CA PHE A 669 10.98 -12.62 28.29
C PHE A 669 11.54 -14.05 28.29
N LEU A 670 12.83 -14.20 28.53
CA LEU A 670 13.48 -15.50 28.42
C LEU A 670 12.99 -16.47 29.49
N LYS A 671 12.97 -16.02 30.75
CA LYS A 671 12.64 -16.89 31.88
C LYS A 671 11.13 -17.04 32.04
N LEU A 672 10.50 -17.58 31.00
CA LEU A 672 9.06 -17.78 31.01
C LEU A 672 8.66 -18.81 29.95
N PRO A 673 7.85 -19.80 30.31
CA PRO A 673 7.45 -20.82 29.32
C PRO A 673 6.63 -20.22 28.20
N ALA A 674 6.73 -20.84 27.02
CA ALA A 674 6.01 -20.39 25.85
C ALA A 674 4.67 -21.11 25.73
N LEU A 675 3.84 -20.64 24.79
CA LEU A 675 2.54 -21.24 24.56
C LEU A 675 2.64 -22.64 23.96
N GLY A 676 3.74 -22.97 23.32
CA GLY A 676 3.88 -24.25 22.68
C GLY A 676 3.13 -24.32 21.35
N THR A 677 2.94 -25.55 20.87
CA THR A 677 2.28 -25.80 19.59
C THR A 677 0.82 -26.23 19.77
N ARG A 678 0.20 -25.85 20.89
CA ARG A 678 -1.19 -26.21 21.11
C ARG A 678 -2.13 -25.51 20.12
N ALA A 679 -1.74 -24.36 19.60
CA ALA A 679 -2.58 -23.64 18.64
C ALA A 679 -2.65 -24.41 17.33
N VAL A 680 -3.84 -24.41 16.72
CA VAL A 680 -4.08 -25.08 15.45
C VAL A 680 -4.78 -24.13 14.51
N LYS A 681 -4.76 -24.46 13.23
CA LYS A 681 -5.37 -23.65 12.19
C LYS A 681 -6.72 -24.23 11.80
N GLY A 682 -7.73 -23.37 11.71
CA GLY A 682 -9.07 -23.83 11.39
C GLY A 682 -9.21 -24.26 9.94
N LEU A 683 -10.30 -24.99 9.68
CA LEU A 683 -10.56 -25.48 8.34
C LEU A 683 -10.97 -24.34 7.42
N ASP A 684 -11.20 -24.68 6.15
CA ASP A 684 -11.54 -23.67 5.15
C ASP A 684 -12.28 -24.34 4.00
N THR A 685 -13.22 -23.61 3.41
CA THR A 685 -13.95 -24.05 2.24
C THR A 685 -13.43 -23.33 0.99
N ASN A 686 -13.48 -24.04 -0.14
CA ASN A 686 -12.96 -23.49 -1.39
C ASN A 686 -13.73 -22.25 -1.83
N GLY A 687 -15.00 -22.42 -2.17
CA GLY A 687 -15.79 -21.31 -2.68
C GLY A 687 -17.25 -21.35 -2.26
N SER A 688 -17.56 -22.06 -1.20
CA SER A 688 -18.94 -22.32 -0.77
C SER A 688 -19.35 -21.43 0.39
N ILE A 689 -18.92 -20.16 0.38
CA ILE A 689 -19.27 -19.24 1.45
C ILE A 689 -20.77 -19.05 1.54
N ASP A 690 -21.43 -18.90 0.40
CA ASP A 690 -22.88 -18.67 0.35
C ASP A 690 -23.68 -19.96 0.28
N VAL A 691 -23.02 -21.12 0.35
CA VAL A 691 -23.73 -22.39 0.22
C VAL A 691 -24.09 -22.97 1.58
N PHE A 692 -23.25 -22.78 2.59
CA PHE A 692 -23.48 -23.39 3.90
C PHE A 692 -23.48 -22.42 5.06
N LEU A 693 -22.92 -21.22 4.91
CA LEU A 693 -22.85 -20.26 5.99
C LEU A 693 -24.14 -19.44 6.03
N ARG A 694 -24.81 -19.47 7.18
CA ARG A 694 -26.06 -18.75 7.37
C ARG A 694 -26.04 -18.08 8.74
N ARG A 695 -27.02 -17.20 8.96
CA ARG A 695 -27.23 -16.62 10.28
C ARG A 695 -28.20 -17.50 11.07
N TRP A 696 -27.96 -17.59 12.37
CA TRP A 696 -28.69 -18.57 13.18
C TRP A 696 -30.20 -18.40 13.18
N PRO A 697 -30.79 -17.20 13.30
CA PRO A 697 -32.24 -17.11 13.52
C PRO A 697 -33.09 -17.37 12.27
N GLU A 698 -32.52 -17.85 11.16
CA GLU A 698 -33.27 -18.01 9.92
C GLU A 698 -33.47 -19.46 9.53
N VAL A 699 -33.29 -20.40 10.47
CA VAL A 699 -33.41 -21.82 10.17
C VAL A 699 -34.30 -22.47 11.22
N SER A 700 -34.80 -23.66 10.89
CA SER A 700 -35.66 -24.40 11.80
C SER A 700 -34.88 -24.84 13.03
N ILE A 701 -35.55 -24.83 14.19
CA ILE A 701 -34.91 -25.24 15.43
C ILE A 701 -34.56 -26.73 15.40
N ASN A 702 -35.41 -27.53 14.74
CA ASN A 702 -35.11 -28.96 14.62
C ASN A 702 -33.83 -29.21 13.85
N SER A 703 -33.62 -28.44 12.77
CA SER A 703 -32.40 -28.55 11.98
C SER A 703 -31.16 -28.09 12.74
N PHE A 704 -31.33 -27.41 13.87
CA PHE A 704 -30.22 -26.91 14.66
C PHE A 704 -29.81 -27.97 15.69
N ASP A 705 -28.54 -28.37 15.65
CA ASP A 705 -28.05 -29.36 16.61
C ASP A 705 -28.10 -28.83 18.03
N ALA A 706 -27.74 -27.56 18.23
CA ALA A 706 -27.68 -27.02 19.59
C ALA A 706 -29.06 -26.99 20.24
N LEU A 707 -30.09 -26.58 19.49
CA LEU A 707 -31.44 -26.50 20.03
C LEU A 707 -32.19 -27.82 19.91
N GLY A 708 -32.11 -28.48 18.76
CA GLY A 708 -32.77 -29.75 18.56
C GLY A 708 -32.00 -30.90 19.20
N LYS A 709 -32.60 -32.08 19.12
CA LYS A 709 -32.01 -33.30 19.65
C LYS A 709 -32.16 -34.42 18.63
N GLY A 710 -31.26 -35.38 18.69
CA GLY A 710 -31.29 -36.50 17.76
C GLY A 710 -30.61 -36.18 16.44
N ASN A 711 -31.41 -35.91 15.42
CA ASN A 711 -30.87 -35.55 14.11
C ASN A 711 -30.11 -34.23 14.20
N SER A 712 -29.05 -34.13 13.38
CA SER A 712 -28.22 -32.93 13.34
C SER A 712 -27.94 -32.57 11.90
N LYS A 713 -28.23 -31.33 11.53
CA LYS A 713 -27.96 -30.82 10.20
C LYS A 713 -27.12 -29.55 10.18
N TRP A 714 -27.11 -28.78 11.27
CA TRP A 714 -26.40 -27.50 11.32
C TRP A 714 -25.61 -27.41 12.61
N PHE A 715 -24.51 -26.65 12.56
CA PHE A 715 -23.65 -26.46 13.71
C PHE A 715 -23.13 -25.03 13.78
N PRO A 716 -22.98 -24.48 14.97
CA PRO A 716 -22.39 -23.14 15.10
C PRO A 716 -20.91 -23.16 14.72
N ILE A 717 -20.44 -22.02 14.21
CA ILE A 717 -19.04 -21.89 13.83
C ILE A 717 -18.58 -20.45 14.06
N ALA A 718 -17.59 -20.27 14.93
CA ALA A 718 -17.03 -18.94 15.17
C ALA A 718 -16.17 -18.52 13.97
N LYS A 719 -16.24 -17.22 13.65
CA LYS A 719 -15.50 -16.71 12.51
C LYS A 719 -15.28 -15.21 12.68
N GLY A 720 -14.02 -14.82 12.86
CA GLY A 720 -13.69 -13.40 12.89
C GLY A 720 -14.35 -12.66 14.04
N GLY A 721 -14.89 -11.49 13.74
CA GLY A 721 -15.51 -10.64 14.72
C GLY A 721 -14.64 -9.44 15.08
N GLU A 722 -15.27 -8.43 15.66
CA GLU A 722 -14.58 -7.22 16.08
C GLU A 722 -13.89 -7.48 17.42
N LEU A 723 -13.39 -6.41 18.04
CA LEU A 723 -12.75 -6.54 19.34
C LEU A 723 -13.78 -6.94 20.38
N ARG A 724 -13.45 -7.96 21.17
CA ARG A 724 -14.39 -8.53 22.13
C ARG A 724 -13.60 -9.39 23.11
N LYS A 725 -13.96 -9.33 24.39
CA LYS A 725 -13.18 -9.97 25.44
C LYS A 725 -14.03 -11.01 26.16
N TRP A 726 -13.55 -12.25 26.15
CA TRP A 726 -13.96 -13.40 26.96
C TRP A 726 -15.28 -14.04 26.53
N PHE A 727 -16.06 -13.44 25.62
CA PHE A 727 -17.28 -14.09 25.15
C PHE A 727 -17.97 -13.29 24.04
N GLY A 728 -18.62 -13.99 23.10
CA GLY A 728 -19.45 -13.34 22.11
C GLY A 728 -19.25 -13.81 20.69
N ASN A 729 -20.02 -13.22 19.77
CA ASN A 729 -19.87 -13.44 18.32
C ASN A 729 -20.21 -14.88 17.93
N HIS A 730 -21.30 -15.41 18.48
CA HIS A 730 -21.80 -16.74 18.08
C HIS A 730 -22.98 -16.56 17.13
N GLU A 731 -22.68 -16.09 15.93
CA GLU A 731 -23.72 -15.70 14.97
C GLU A 731 -23.42 -16.21 13.57
N TYR A 732 -23.03 -17.48 13.46
CA TYR A 732 -22.84 -18.10 12.16
C TYR A 732 -23.03 -19.61 12.28
N ILE A 733 -23.80 -20.18 11.35
CA ILE A 733 -24.14 -21.59 11.35
C ILE A 733 -23.74 -22.20 10.01
N ILE A 734 -23.24 -23.43 10.05
CA ILE A 734 -22.77 -24.12 8.85
C ILE A 734 -23.41 -25.50 8.79
N ASN A 735 -23.45 -26.05 7.58
CA ASN A 735 -24.07 -27.36 7.32
C ASN A 735 -22.97 -28.42 7.35
N TYR A 736 -23.05 -29.31 8.33
CA TYR A 736 -22.07 -30.38 8.52
C TYR A 736 -22.78 -31.70 8.80
N GLU A 737 -23.79 -32.01 7.99
CA GLU A 737 -24.53 -33.25 8.16
C GLU A 737 -23.75 -34.43 7.58
N ASN A 738 -23.84 -35.57 8.26
CA ASN A 738 -23.17 -36.80 7.86
C ASN A 738 -21.66 -36.59 7.69
N ASP A 739 -21.06 -35.95 8.69
CA ASP A 739 -19.62 -35.70 8.74
C ASP A 739 -19.13 -34.95 7.51
N GLY A 740 -19.91 -33.97 7.08
CA GLY A 740 -19.53 -33.11 5.97
C GLY A 740 -19.39 -33.83 4.64
N ILE A 741 -20.36 -34.68 4.29
CA ILE A 741 -20.33 -35.34 3.00
C ILE A 741 -20.41 -34.32 1.88
N GLU A 742 -21.30 -33.32 2.03
CA GLU A 742 -21.39 -32.26 1.03
C GLU A 742 -20.09 -31.44 0.97
N LEU A 743 -19.50 -31.16 2.14
CA LEU A 743 -18.24 -30.44 2.15
C LEU A 743 -17.12 -31.25 1.50
N ARG A 744 -17.08 -32.56 1.77
CA ARG A 744 -16.08 -33.41 1.15
C ARG A 744 -16.30 -33.48 -0.37
N LYS A 745 -17.55 -33.43 -0.83
CA LYS A 745 -17.81 -33.30 -2.26
C LYS A 745 -17.26 -31.96 -2.77
N ASN A 746 -17.43 -30.90 -1.99
CA ASN A 746 -16.88 -29.60 -2.34
C ASN A 746 -15.36 -29.55 -2.26
N LYS A 747 -14.73 -30.60 -1.69
CA LYS A 747 -13.28 -30.66 -1.52
C LYS A 747 -12.77 -29.53 -0.64
N ALA A 748 -13.54 -29.21 0.40
CA ALA A 748 -13.14 -28.18 1.33
C ALA A 748 -12.02 -28.68 2.23
N ASN A 749 -11.13 -27.76 2.61
CA ASN A 749 -10.02 -28.11 3.47
C ASN A 749 -10.52 -28.47 4.87
N LEU A 750 -9.97 -29.54 5.43
CA LEU A 750 -10.34 -30.01 6.76
C LEU A 750 -9.07 -30.32 7.53
N ARG A 751 -8.81 -29.56 8.59
CA ARG A 751 -7.60 -29.71 9.40
C ARG A 751 -7.97 -29.95 10.85
N ASN A 752 -7.19 -30.83 11.50
CA ASN A 752 -7.36 -31.13 12.93
C ASN A 752 -8.79 -31.61 13.22
N LYS A 753 -9.29 -32.50 12.36
CA LYS A 753 -10.69 -32.88 12.44
C LYS A 753 -11.03 -33.56 13.76
N ASP A 754 -10.14 -34.44 14.23
CA ASP A 754 -10.43 -35.21 15.45
C ASP A 754 -10.55 -34.34 16.68
N MET A 755 -10.02 -33.12 16.65
CA MET A 755 -10.06 -32.22 17.79
C MET A 755 -11.24 -31.24 17.73
N TYR A 756 -12.25 -31.52 16.91
CA TYR A 756 -13.40 -30.65 16.82
C TYR A 756 -14.33 -30.86 18.00
N PHE A 757 -15.27 -29.92 18.17
CA PHE A 757 -16.27 -29.97 19.23
C PHE A 757 -15.63 -30.04 20.61
N GLN A 758 -14.54 -29.29 20.80
CA GLN A 758 -13.82 -29.26 22.08
C GLN A 758 -13.73 -27.81 22.56
N GLU A 759 -13.93 -27.62 23.86
CA GLU A 759 -13.87 -26.29 24.44
C GLU A 759 -12.44 -25.75 24.42
N GLY A 760 -12.33 -24.44 24.34
CA GLY A 760 -11.02 -23.81 24.33
C GLY A 760 -11.12 -22.33 23.98
N GLY A 761 -9.96 -21.72 23.81
CA GLY A 761 -9.88 -20.31 23.49
C GLY A 761 -9.69 -20.08 22.00
N THR A 762 -10.31 -19.01 21.51
CA THR A 762 -10.21 -18.64 20.09
C THR A 762 -9.86 -17.16 19.99
N TRP A 763 -9.14 -16.81 18.93
CA TRP A 763 -8.75 -15.43 18.70
C TRP A 763 -8.95 -15.09 17.23
N THR A 764 -9.05 -13.79 16.96
CA THR A 764 -9.26 -13.32 15.60
C THR A 764 -7.92 -13.24 14.86
N VAL A 765 -7.85 -13.88 13.70
CA VAL A 765 -6.61 -13.91 12.93
C VAL A 765 -6.27 -12.52 12.40
N VAL A 766 -7.24 -11.84 11.80
CA VAL A 766 -7.03 -10.53 11.20
C VAL A 766 -7.82 -9.51 12.01
N SER A 767 -7.11 -8.66 12.74
CA SER A 767 -7.71 -7.62 13.57
C SER A 767 -7.34 -6.25 13.04
N THR A 768 -7.87 -5.22 13.69
CA THR A 768 -7.59 -3.84 13.32
C THR A 768 -7.31 -2.93 14.50
N THR A 769 -7.47 -3.39 15.74
CA THR A 769 -7.27 -2.54 16.90
C THR A 769 -6.32 -3.18 17.91
N GLY A 770 -6.33 -4.50 17.99
CA GLY A 770 -5.49 -5.17 18.97
C GLY A 770 -5.75 -6.65 18.97
N PHE A 771 -5.26 -7.29 20.04
CA PHE A 771 -5.34 -8.74 20.20
C PHE A 771 -6.27 -9.09 21.35
N SER A 772 -7.06 -10.14 21.17
CA SER A 772 -8.01 -10.58 22.19
C SER A 772 -8.33 -12.05 21.98
N MET A 773 -8.62 -12.74 23.07
CA MET A 773 -8.99 -14.15 23.03
C MET A 773 -10.26 -14.36 23.83
N ARG A 774 -11.10 -15.28 23.37
CA ARG A 774 -12.42 -15.51 23.92
C ARG A 774 -12.64 -16.99 24.20
N TYR A 775 -13.44 -17.24 25.23
CA TYR A 775 -13.80 -18.61 25.60
C TYR A 775 -14.72 -19.22 24.55
N MET A 776 -14.74 -20.55 24.51
CA MET A 776 -15.63 -21.26 23.59
C MET A 776 -15.97 -22.62 24.16
N PRO A 777 -17.25 -22.87 24.49
CA PRO A 777 -17.64 -24.21 24.97
C PRO A 777 -17.54 -25.26 23.88
N LYS A 778 -17.89 -26.50 24.20
CA LYS A 778 -17.78 -27.58 23.24
C LYS A 778 -18.90 -27.48 22.20
N GLY A 779 -18.89 -28.42 21.26
CA GLY A 779 -19.84 -28.41 20.17
C GLY A 779 -19.69 -27.23 19.24
N PHE A 780 -18.44 -26.93 18.86
CA PHE A 780 -18.15 -25.81 17.98
C PHE A 780 -17.15 -26.23 16.91
N LEU A 781 -17.15 -25.49 15.81
CA LEU A 781 -16.18 -25.65 14.74
C LEU A 781 -15.50 -24.30 14.50
N PHE A 782 -14.20 -24.33 14.22
CA PHE A 782 -13.41 -23.12 14.10
C PHE A 782 -12.91 -22.95 12.67
N ASP A 783 -13.09 -21.74 12.13
CA ASP A 783 -12.69 -21.42 10.78
C ASP A 783 -11.19 -21.11 10.73
N GLN A 784 -10.65 -21.02 9.51
CA GLN A 784 -9.25 -20.68 9.35
C GLN A 784 -8.94 -19.30 9.91
N GLY A 785 -9.91 -18.38 9.89
CA GLY A 785 -9.76 -17.12 10.57
C GLY A 785 -10.05 -17.17 12.05
N GLY A 786 -10.45 -18.34 12.55
CA GLY A 786 -10.77 -18.53 13.96
C GLY A 786 -9.88 -19.54 14.65
N SER A 787 -8.57 -19.47 14.39
CA SER A 787 -7.63 -20.41 14.98
C SER A 787 -7.81 -20.49 16.48
N ALA A 788 -7.89 -21.71 17.00
CA ALA A 788 -8.28 -21.97 18.37
C ALA A 788 -7.10 -22.49 19.19
N VAL A 789 -7.35 -22.68 20.49
CA VAL A 789 -6.37 -23.17 21.44
C VAL A 789 -6.99 -24.32 22.21
N PHE A 790 -6.25 -25.41 22.37
CA PHE A 790 -6.71 -26.57 23.12
C PHE A 790 -5.61 -27.03 24.07
N CYS A 791 -5.96 -27.16 25.34
CA CYS A 791 -5.02 -27.68 26.33
C CYS A 791 -4.85 -29.18 26.17
N GLU A 792 -3.73 -29.68 26.67
CA GLU A 792 -3.46 -31.11 26.62
C GLU A 792 -4.36 -31.85 27.59
N ASN A 793 -4.45 -33.17 27.39
CA ASN A 793 -5.35 -33.99 28.20
C ASN A 793 -4.95 -33.96 29.68
N ASN A 794 -3.65 -34.02 29.96
CA ASN A 794 -3.14 -34.02 31.34
C ASN A 794 -1.93 -33.10 31.40
N ASP A 795 -2.19 -31.84 31.72
CA ASP A 795 -1.12 -30.85 31.88
C ASP A 795 -1.58 -29.81 32.89
N GLU A 796 -0.60 -29.08 33.45
CA GLU A 796 -0.89 -28.09 34.47
C GLU A 796 -1.51 -26.82 33.91
N LEU A 797 -1.52 -26.64 32.59
CA LEU A 797 -2.05 -25.44 31.97
C LEU A 797 -3.54 -25.63 31.72
N SER A 798 -4.37 -24.92 32.49
CA SER A 798 -5.80 -24.93 32.29
C SER A 798 -6.20 -23.85 31.28
N ILE A 799 -7.32 -24.08 30.61
CA ILE A 799 -7.81 -23.13 29.62
C ILE A 799 -8.08 -21.77 30.27
N TYR A 800 -8.64 -21.79 31.48
CA TYR A 800 -8.96 -20.55 32.17
C TYR A 800 -7.69 -19.76 32.48
N ASN A 801 -6.62 -20.45 32.87
CA ASN A 801 -5.35 -19.76 33.12
C ASN A 801 -4.83 -19.09 31.87
N ILE A 802 -4.89 -19.78 30.73
CA ILE A 802 -4.41 -19.19 29.47
C ILE A 802 -5.26 -17.99 29.10
N LEU A 803 -6.59 -18.10 29.23
CA LEU A 803 -7.46 -16.99 28.89
C LEU A 803 -7.20 -15.79 29.79
N ALA A 804 -6.96 -16.03 31.08
CA ALA A 804 -6.62 -14.93 31.98
C ALA A 804 -5.30 -14.28 31.59
N CYS A 805 -4.32 -15.08 31.21
CA CYS A 805 -3.01 -14.54 30.84
C CYS A 805 -3.08 -13.72 29.56
N MET A 806 -3.86 -14.19 28.57
CA MET A 806 -3.80 -13.60 27.23
C MET A 806 -4.27 -12.15 27.23
N ASN A 807 -5.38 -11.86 27.90
CA ASN A 807 -5.96 -10.52 27.83
C ASN A 807 -5.29 -9.53 28.78
N SER A 808 -4.18 -9.90 29.40
CA SER A 808 -3.45 -8.97 30.25
C SER A 808 -2.75 -7.92 29.38
N LYS A 809 -2.39 -6.81 30.04
CA LYS A 809 -1.72 -5.72 29.33
C LYS A 809 -0.36 -6.14 28.81
N TYR A 810 0.36 -6.96 29.58
CA TYR A 810 1.70 -7.39 29.20
C TYR A 810 1.68 -8.18 27.90
N ILE A 811 0.76 -9.12 27.77
CA ILE A 811 0.67 -9.93 26.56
C ILE A 811 0.27 -9.07 25.38
N ASN A 812 -0.66 -8.14 25.57
CA ASN A 812 -1.06 -7.25 24.49
C ASN A 812 0.11 -6.41 24.01
N TYR A 813 0.89 -5.87 24.94
CA TYR A 813 2.05 -5.05 24.58
C TYR A 813 3.08 -5.88 23.83
N SER A 814 3.34 -7.10 24.31
CA SER A 814 4.32 -7.96 23.63
C SER A 814 3.85 -8.31 22.22
N ALA A 815 2.56 -8.62 22.07
CA ALA A 815 2.02 -8.93 20.75
C ALA A 815 2.10 -7.74 19.81
N SER A 816 1.82 -6.54 20.32
CA SER A 816 1.96 -5.34 19.51
C SER A 816 3.41 -5.15 19.08
N LEU A 817 4.35 -5.38 19.99
CA LEU A 817 5.76 -5.23 19.64
C LEU A 817 6.19 -6.24 18.58
N ILE A 818 5.75 -7.50 18.72
CA ILE A 818 6.20 -8.54 17.81
C ILE A 818 5.66 -8.28 16.39
N CYS A 819 4.36 -8.00 16.28
CA CYS A 819 3.71 -7.82 14.99
C CYS A 819 3.07 -6.43 14.96
N PRO A 820 3.78 -5.42 14.44
CA PRO A 820 3.18 -4.08 14.33
C PRO A 820 2.14 -3.96 13.23
N THR A 821 1.96 -4.98 12.41
CA THR A 821 1.00 -4.95 11.32
C THR A 821 -0.38 -5.47 11.72
N LEU A 822 -0.58 -5.79 12.99
CA LEU A 822 -1.85 -6.28 13.51
C LEU A 822 -2.31 -7.56 12.81
N ASN A 823 -1.35 -8.40 12.42
CA ASN A 823 -1.63 -9.69 11.80
C ASN A 823 -1.12 -10.78 12.71
N PHE A 824 -1.95 -11.80 12.94
CA PHE A 824 -1.66 -12.84 13.93
C PHE A 824 -1.81 -14.21 13.26
N THR A 825 -0.73 -14.69 12.66
CA THR A 825 -0.70 -16.04 12.13
C THR A 825 -0.48 -17.04 13.26
N THR A 826 -0.70 -18.32 12.96
CA THR A 826 -0.60 -19.36 13.97
C THR A 826 0.82 -19.47 14.52
N GLY A 827 1.81 -19.40 13.64
CA GLY A 827 3.19 -19.59 14.08
C GLY A 827 3.63 -18.56 15.11
N ASP A 828 3.30 -17.28 14.88
CA ASP A 828 3.67 -16.25 15.84
C ASP A 828 2.96 -16.45 17.17
N VAL A 829 1.69 -16.87 17.13
CA VAL A 829 0.97 -17.15 18.36
C VAL A 829 1.59 -18.32 19.10
N ARG A 830 2.19 -19.27 18.37
CA ARG A 830 2.76 -20.44 19.01
C ARG A 830 3.92 -20.11 19.95
N LYS A 831 4.49 -18.91 19.85
CA LYS A 831 5.64 -18.54 20.65
C LYS A 831 5.34 -17.42 21.65
N PHE A 832 4.08 -17.28 22.06
CA PHE A 832 3.74 -16.31 23.08
C PHE A 832 4.11 -16.84 24.47
N PRO A 833 4.45 -15.96 25.40
CA PRO A 833 4.71 -16.38 26.78
C PRO A 833 3.41 -16.67 27.51
N VAL A 834 3.55 -17.27 28.68
CA VAL A 834 2.40 -17.65 29.50
C VAL A 834 2.87 -17.87 30.93
N ILE A 835 2.05 -17.42 31.88
CA ILE A 835 2.35 -17.56 33.30
C ILE A 835 1.43 -18.63 33.89
N LYS A 836 1.71 -19.01 35.13
CA LYS A 836 0.92 -20.00 35.84
C LYS A 836 0.56 -19.50 37.23
N ASN A 837 -0.70 -19.63 37.61
CA ASN A 837 -1.18 -19.23 38.93
C ASN A 837 -2.50 -19.96 39.18
N ASN A 838 -3.18 -19.58 40.25
CA ASN A 838 -4.45 -20.20 40.63
C ASN A 838 -5.61 -19.22 40.72
N HIS A 839 -5.39 -18.03 41.27
CA HIS A 839 -6.45 -17.05 41.38
C HIS A 839 -6.94 -16.60 40.00
N LEU A 840 -6.05 -16.61 39.01
CA LEU A 840 -6.44 -16.26 37.66
C LEU A 840 -7.59 -17.12 37.16
N GLU A 841 -7.64 -18.38 37.59
CA GLU A 841 -8.71 -19.27 37.14
C GLU A 841 -10.07 -18.77 37.58
N ASP A 842 -10.23 -18.48 38.87
CA ASP A 842 -11.51 -18.00 39.37
C ASP A 842 -11.84 -16.63 38.82
N LEU A 843 -10.83 -15.76 38.69
CA LEU A 843 -11.09 -14.44 38.12
C LEU A 843 -11.58 -14.53 36.69
N ALA A 844 -10.95 -15.40 35.89
CA ALA A 844 -11.41 -15.60 34.51
C ALA A 844 -12.80 -16.21 34.47
N LYS A 845 -13.10 -17.12 35.40
CA LYS A 845 -14.44 -17.70 35.45
C LYS A 845 -15.48 -16.62 35.73
N LYS A 846 -15.20 -15.73 36.68
CA LYS A 846 -16.13 -14.64 36.97
C LYS A 846 -16.29 -13.71 35.77
N ALA A 847 -15.18 -13.39 35.09
CA ALA A 847 -15.26 -12.53 33.91
C ALA A 847 -16.11 -13.18 32.83
N ILE A 848 -15.92 -14.48 32.60
CA ILE A 848 -16.70 -15.19 31.59
C ILE A 848 -18.18 -15.18 31.96
N GLU A 849 -18.48 -15.39 33.24
CA GLU A 849 -19.88 -15.38 33.68
C GLU A 849 -20.51 -14.02 33.43
N ILE A 850 -19.80 -12.95 33.77
CA ILE A 850 -20.35 -11.60 33.57
C ILE A 850 -20.54 -11.32 32.08
N SER A 851 -19.57 -11.69 31.25
CA SER A 851 -19.69 -11.44 29.82
C SER A 851 -20.87 -12.21 29.23
N LYS A 852 -21.04 -13.46 29.63
CA LYS A 852 -22.15 -14.25 29.11
C LYS A 852 -23.49 -13.68 29.57
N ALA A 853 -23.56 -13.23 30.83
CA ALA A 853 -24.79 -12.61 31.31
C ALA A 853 -25.10 -11.36 30.51
N ASP A 854 -24.09 -10.56 30.19
CA ASP A 854 -24.31 -9.37 29.37
C ASP A 854 -24.78 -9.75 27.97
N TRP A 855 -24.19 -10.78 27.38
CA TRP A 855 -24.55 -11.18 26.02
C TRP A 855 -25.93 -11.81 25.96
N ASN A 856 -26.44 -12.32 27.08
CA ASN A 856 -27.73 -13.01 27.10
C ASN A 856 -28.91 -12.08 27.40
N GLN A 857 -28.81 -10.80 27.04
CA GLN A 857 -29.92 -9.88 27.22
C GLN A 857 -30.43 -9.30 25.91
N PHE A 858 -30.02 -9.88 24.77
CA PHE A 858 -30.46 -9.42 23.46
C PHE A 858 -31.07 -10.58 22.69
N GLU A 859 -31.99 -10.25 21.78
CA GLU A 859 -32.67 -11.26 21.00
C GLU A 859 -31.73 -11.98 20.03
N THR A 860 -30.59 -11.37 19.71
CA THR A 860 -29.69 -11.98 18.74
C THR A 860 -29.00 -13.24 19.26
N SER A 861 -29.10 -13.52 20.55
CA SER A 861 -28.51 -14.71 21.14
C SER A 861 -29.60 -15.76 21.36
N TRP A 862 -29.33 -17.00 20.96
CA TRP A 862 -30.31 -18.06 21.13
C TRP A 862 -30.54 -18.42 22.60
N GLU A 863 -29.68 -17.97 23.51
CA GLU A 863 -29.86 -18.20 24.93
C GLU A 863 -30.73 -17.14 25.59
N PHE A 864 -31.49 -16.38 24.80
CA PHE A 864 -32.34 -15.34 25.36
C PHE A 864 -33.40 -15.95 26.26
N SER A 865 -33.70 -15.25 27.37
CA SER A 865 -34.67 -15.73 28.34
C SER A 865 -35.91 -14.84 28.40
N LYS A 866 -35.75 -13.55 28.66
CA LYS A 866 -36.88 -12.64 28.82
C LYS A 866 -36.36 -11.22 28.90
N ASN A 867 -37.24 -10.28 28.54
CA ASN A 867 -36.88 -8.87 28.60
C ASN A 867 -36.69 -8.42 30.05
N LYS A 868 -35.80 -7.44 30.25
CA LYS A 868 -35.48 -6.99 31.60
C LYS A 868 -36.60 -6.16 32.19
N LEU A 869 -37.24 -5.31 31.39
CA LEU A 869 -38.19 -4.34 31.92
C LEU A 869 -39.46 -4.96 32.46
N ILE A 870 -39.73 -6.24 32.17
CA ILE A 870 -40.98 -6.87 32.61
C ILE A 870 -40.84 -7.59 33.94
N GLU A 871 -39.68 -7.52 34.60
CA GLU A 871 -39.49 -8.14 35.89
C GLU A 871 -39.83 -7.22 37.06
N HIS A 872 -40.10 -5.95 36.81
CA HIS A 872 -40.39 -4.98 37.85
C HIS A 872 -41.81 -4.46 37.69
N LYS A 873 -42.58 -4.49 38.77
CA LYS A 873 -43.99 -4.12 38.74
C LYS A 873 -44.26 -2.72 39.27
N GLY A 874 -43.23 -1.97 39.66
CA GLY A 874 -43.43 -0.66 40.23
C GLY A 874 -43.92 0.38 39.24
N ASN A 875 -43.05 0.76 38.30
CA ASN A 875 -43.39 1.76 37.31
C ASN A 875 -42.40 1.67 36.16
N VAL A 876 -42.76 2.27 35.02
CA VAL A 876 -41.89 2.24 33.86
C VAL A 876 -40.57 2.93 34.17
N ALA A 877 -40.63 4.11 34.78
CA ALA A 877 -39.41 4.81 35.17
C ALA A 877 -38.64 4.01 36.21
N TYR A 878 -39.34 3.38 37.15
CA TYR A 878 -38.69 2.54 38.15
C TYR A 878 -37.96 1.37 37.50
N SER A 879 -38.60 0.72 36.53
CA SER A 879 -37.94 -0.39 35.82
C SER A 879 -36.74 0.11 35.03
N TYR A 880 -36.86 1.27 34.41
CA TYR A 880 -35.74 1.85 33.67
C TYR A 880 -34.55 2.12 34.59
N ALA A 881 -34.82 2.69 35.78
CA ALA A 881 -33.76 2.94 36.73
C ALA A 881 -33.12 1.64 37.20
N SER A 882 -33.93 0.61 37.44
CA SER A 882 -33.39 -0.68 37.85
C SER A 882 -32.48 -1.25 36.77
N TYR A 883 -32.91 -1.15 35.51
CA TYR A 883 -32.10 -1.64 34.40
C TYR A 883 -30.76 -0.91 34.32
N CYS A 884 -30.79 0.42 34.46
CA CYS A 884 -29.56 1.20 34.43
C CYS A 884 -28.64 0.82 35.58
N ASN A 885 -29.20 0.63 36.78
CA ASN A 885 -28.39 0.24 37.92
C ASN A 885 -27.75 -1.13 37.71
N PHE A 886 -28.51 -2.06 37.13
CA PHE A 886 -27.97 -3.38 36.83
C PHE A 886 -26.78 -3.29 35.89
N GLN A 887 -26.92 -2.50 34.82
CA GLN A 887 -25.81 -2.35 33.88
C GLN A 887 -24.61 -1.70 34.54
N ASP A 888 -24.85 -0.69 35.38
CA ASP A 888 -23.74 -0.02 36.08
C ASP A 888 -23.01 -1.00 37.00
N LYS A 889 -23.76 -1.84 37.72
CA LYS A 889 -23.13 -2.81 38.60
C LYS A 889 -22.26 -3.78 37.81
N LEU A 890 -22.77 -4.25 36.66
CA LEU A 890 -21.97 -5.15 35.82
C LEU A 890 -20.67 -4.46 35.40
N TYR A 891 -20.78 -3.21 34.95
CA TYR A 891 -19.60 -2.48 34.50
C TYR A 891 -18.57 -2.33 35.61
N GLU A 892 -19.04 -1.95 36.81
CA GLU A 892 -18.11 -1.75 37.92
C GLU A 892 -17.42 -3.06 38.31
N GLN A 893 -18.19 -4.16 38.35
CA GLN A 893 -17.59 -5.44 38.70
C GLN A 893 -16.51 -5.84 37.69
N LEU A 894 -16.80 -5.68 36.39
CA LEU A 894 -15.81 -6.04 35.39
C LEU A 894 -14.56 -5.17 35.51
N VAL A 895 -14.74 -3.88 35.75
CA VAL A 895 -13.59 -2.99 35.89
C VAL A 895 -12.72 -3.41 37.08
N ASN A 896 -13.35 -3.71 38.21
CA ASN A 896 -12.59 -4.14 39.38
C ASN A 896 -11.84 -5.43 39.12
N ILE A 897 -12.49 -6.39 38.45
CA ILE A 897 -11.83 -7.65 38.15
C ILE A 897 -10.61 -7.43 37.26
N GLU A 898 -10.76 -6.62 36.22
CA GLU A 898 -9.62 -6.35 35.34
C GLU A 898 -8.48 -5.67 36.09
N LYS A 899 -8.81 -4.72 36.97
CA LYS A 899 -7.78 -4.05 37.75
C LYS A 899 -7.02 -5.05 38.63
N ASN A 900 -7.76 -5.94 39.29
CA ASN A 900 -7.11 -6.93 40.15
C ASN A 900 -6.21 -7.85 39.35
N ILE A 901 -6.67 -8.29 38.17
CA ILE A 901 -5.85 -9.17 37.34
C ILE A 901 -4.56 -8.46 36.92
N ASN A 902 -4.69 -7.20 36.49
CA ASN A 902 -3.51 -6.45 36.07
C ASN A 902 -2.53 -6.27 37.23
N ASN A 903 -3.04 -5.96 38.42
CA ASN A 903 -2.17 -5.80 39.58
C ASN A 903 -1.44 -7.10 39.91
N ILE A 904 -2.15 -8.22 39.87
CA ILE A 904 -1.53 -9.50 40.18
C ILE A 904 -0.42 -9.82 39.17
N ILE A 905 -0.70 -9.62 37.88
CA ILE A 905 0.29 -9.92 36.86
C ILE A 905 1.51 -9.02 37.02
N GLU A 906 1.28 -7.72 37.25
CA GLU A 906 2.40 -6.79 37.39
C GLU A 906 3.26 -7.14 38.60
N GLU A 907 2.63 -7.45 39.73
CA GLU A 907 3.42 -7.78 40.92
C GLU A 907 4.15 -9.10 40.75
N ILE A 908 3.59 -10.03 39.99
CA ILE A 908 4.31 -11.27 39.70
C ILE A 908 5.54 -10.99 38.85
N LEU A 909 5.38 -10.18 37.80
CA LEU A 909 6.52 -9.86 36.94
C LEU A 909 7.54 -9.03 37.68
N GLY A 910 7.10 -8.00 38.40
CA GLY A 910 7.97 -7.17 39.21
C GLY A 910 8.35 -5.84 38.59
N PHE A 911 7.80 -5.49 37.44
CA PHE A 911 8.08 -4.18 36.84
C PHE A 911 6.82 -3.67 36.14
N LYS A 912 6.59 -2.37 36.24
CA LYS A 912 5.43 -1.75 35.64
C LYS A 912 5.60 -1.65 34.12
N ILE A 913 4.47 -1.51 33.43
CA ILE A 913 4.45 -1.38 31.99
C ILE A 913 3.58 -0.18 31.61
N GLU A 914 3.81 0.33 30.41
CA GLU A 914 3.12 1.51 29.93
C GLU A 914 1.69 1.16 29.53
N THR A 915 0.87 2.20 29.39
CA THR A 915 -0.52 2.07 28.94
C THR A 915 -0.64 2.63 27.53
N THR A 916 -1.39 1.94 26.68
CA THR A 916 -1.53 2.35 25.28
C THR A 916 -3.01 2.49 24.91
N GLU A 917 -3.28 2.67 23.63
CA GLU A 917 -4.64 2.78 23.15
C GLU A 917 -5.37 1.45 23.35
N ASN A 918 -6.65 1.54 23.75
CA ASN A 918 -7.50 0.38 23.97
C ASN A 918 -6.95 -0.53 25.07
N SER A 919 -6.14 0.02 25.97
CA SER A 919 -5.63 -0.76 27.08
C SER A 919 -6.69 -0.97 28.17
N GLU A 920 -7.54 0.03 28.37
CA GLU A 920 -8.56 -0.02 29.43
C GLU A 920 -9.98 0.02 28.87
N LEU A 921 -10.16 -0.19 27.57
CA LEU A 921 -11.48 -0.17 26.98
C LEU A 921 -12.31 -1.34 27.49
N ILE A 922 -13.58 -1.09 27.77
CA ILE A 922 -14.50 -2.11 28.28
C ILE A 922 -15.43 -2.51 27.15
N THR A 923 -15.39 -3.79 26.78
CA THR A 923 -16.17 -4.29 25.65
C THR A 923 -17.47 -4.92 26.14
N LEU A 924 -18.35 -4.06 26.63
CA LEU A 924 -19.69 -4.45 27.06
C LEU A 924 -20.71 -3.51 26.45
N ASN A 925 -21.91 -4.02 26.22
CA ASN A 925 -23.00 -3.16 25.76
C ASN A 925 -23.50 -2.24 26.85
N SER A 926 -23.23 -2.55 28.13
CA SER A 926 -23.59 -1.65 29.21
C SER A 926 -22.82 -0.35 29.11
N ASN A 927 -21.53 -0.42 28.76
CA ASN A 927 -20.73 0.78 28.56
C ASN A 927 -21.25 1.54 27.34
N LYS A 928 -21.71 2.77 27.56
CA LYS A 928 -22.21 3.58 26.46
C LYS A 928 -21.11 3.90 25.46
N ILE A 929 -19.87 4.08 25.94
CA ILE A 929 -18.76 4.46 25.07
C ILE A 929 -18.51 3.39 24.01
N TYR A 930 -18.47 2.13 24.43
CA TYR A 930 -18.20 1.05 23.48
C TYR A 930 -19.39 0.82 22.57
N ARG A 931 -20.61 0.96 23.08
CA ARG A 931 -21.79 0.67 22.28
C ARG A 931 -22.00 1.74 21.21
N TYR A 932 -21.90 3.01 21.57
CA TYR A 932 -22.19 4.11 20.66
C TYR A 932 -20.94 4.72 20.05
N GLY A 933 -19.78 4.10 20.23
CA GLY A 933 -18.58 4.70 19.69
C GLY A 933 -18.16 5.93 20.48
N GLN A 934 -17.34 6.75 19.83
CA GLN A 934 -16.79 7.95 20.45
C GLN A 934 -17.43 9.19 19.85
N SER A 935 -17.88 10.09 20.72
CA SER A 935 -18.46 11.37 20.33
C SER A 935 -17.60 12.50 20.89
N GLU A 936 -18.02 13.74 20.63
CA GLU A 936 -17.26 14.89 21.11
C GLU A 936 -17.34 15.01 22.62
N THR A 937 -18.50 14.67 23.21
CA THR A 937 -18.72 14.80 24.64
C THR A 937 -19.62 13.66 25.10
N ASN A 938 -19.60 13.41 26.40
CA ASN A 938 -20.50 12.43 27.00
C ASN A 938 -21.88 13.06 27.21
N ASP A 939 -22.76 12.34 27.92
CA ASP A 939 -24.12 12.75 28.26
C ASP A 939 -25.02 12.85 27.03
N THR A 940 -24.50 12.61 25.83
CA THR A 940 -25.35 12.62 24.64
C THR A 940 -26.15 11.33 24.52
N PHE A 941 -25.64 10.24 25.06
CA PHE A 941 -26.27 8.92 24.89
C PHE A 941 -27.18 8.59 26.06
N LEU A 942 -28.15 9.47 26.30
CA LEU A 942 -29.21 9.21 27.26
C LEU A 942 -30.58 9.11 26.60
N ASN A 943 -30.98 10.14 25.85
CA ASN A 943 -32.24 10.07 25.12
C ASN A 943 -32.20 8.98 24.06
N ARG A 944 -31.08 8.85 23.36
CA ARG A 944 -30.93 7.79 22.37
C ARG A 944 -31.02 6.41 23.03
N HIS A 945 -30.37 6.26 24.18
CA HIS A 945 -30.42 4.98 24.89
C HIS A 945 -31.85 4.64 25.33
N ARG A 946 -32.57 5.64 25.86
CA ARG A 946 -33.94 5.40 26.28
C ARG A 946 -34.83 5.06 25.09
N SER A 947 -34.64 5.76 23.96
CA SER A 947 -35.42 5.45 22.76
C SER A 947 -35.12 4.05 22.27
N ASP A 948 -33.86 3.63 22.29
CA ASP A 948 -33.52 2.28 21.87
C ASP A 948 -34.13 1.24 22.79
N THR A 949 -34.13 1.51 24.10
CA THR A 949 -34.75 0.58 25.05
C THR A 949 -36.25 0.43 24.77
N ILE A 950 -36.93 1.55 24.53
CA ILE A 950 -38.36 1.47 24.24
C ILE A 950 -38.61 0.77 22.91
N SER A 951 -37.72 0.99 21.93
CA SER A 951 -37.84 0.28 20.66
C SER A 951 -37.70 -1.22 20.86
N GLU A 952 -36.76 -1.64 21.70
CA GLU A 952 -36.60 -3.06 21.98
C GLU A 952 -37.85 -3.61 22.68
N LEU A 953 -38.43 -2.84 23.60
CA LEU A 953 -39.66 -3.28 24.25
C LEU A 953 -40.78 -3.46 23.23
N ILE A 954 -40.93 -2.51 22.31
CA ILE A 954 -41.97 -2.61 21.29
C ILE A 954 -41.72 -3.81 20.39
N SER A 955 -40.46 -4.04 20.02
CA SER A 955 -40.14 -5.19 19.19
C SER A 955 -40.48 -6.50 19.89
N TYR A 956 -40.16 -6.59 21.18
CA TYR A 956 -40.50 -7.79 21.94
C TYR A 956 -42.01 -7.99 22.02
N SER A 957 -42.76 -6.90 22.20
CA SER A 957 -44.22 -7.01 22.22
C SER A 957 -44.75 -7.50 20.88
N VAL A 958 -44.20 -6.98 19.77
CA VAL A 958 -44.62 -7.43 18.45
C VAL A 958 -44.31 -8.91 18.27
N GLY A 959 -43.13 -9.34 18.71
CA GLY A 959 -42.78 -10.75 18.61
C GLY A 959 -43.71 -11.63 19.43
N CYS A 960 -44.09 -11.16 20.61
CA CYS A 960 -45.06 -11.90 21.42
C CYS A 960 -46.40 -12.00 20.70
N GLN A 961 -46.83 -10.92 20.05
CA GLN A 961 -48.07 -10.96 19.29
C GLN A 961 -47.98 -11.96 18.14
N MET A 962 -46.83 -12.00 17.47
CA MET A 962 -46.63 -12.94 16.36
C MET A 962 -46.67 -14.40 16.82
N GLY A 963 -46.46 -14.65 18.10
CA GLY A 963 -46.42 -16.00 18.62
C GLY A 963 -45.03 -16.57 18.83
N ARG A 964 -43.99 -15.85 18.42
CA ARG A 964 -42.63 -16.32 18.64
C ARG A 964 -42.31 -16.38 20.13
N TYR A 965 -42.75 -15.39 20.89
CA TYR A 965 -42.54 -15.34 22.33
C TYR A 965 -43.87 -15.39 23.05
N SER A 966 -43.86 -16.01 24.23
CA SER A 966 -45.04 -16.08 25.07
C SER A 966 -44.65 -15.77 26.51
N LEU A 967 -45.55 -15.12 27.24
CA LEU A 967 -45.30 -14.77 28.63
C LEU A 967 -45.53 -15.94 29.58
N ASP A 968 -46.21 -16.99 29.14
CA ASP A 968 -46.45 -18.14 30.00
C ASP A 968 -45.16 -18.88 30.33
N ARG A 969 -44.26 -19.01 29.35
CA ARG A 969 -43.03 -19.76 29.56
C ARG A 969 -41.88 -19.01 28.91
N GLU A 970 -40.68 -19.25 29.43
CA GLU A 970 -39.48 -18.59 28.94
C GLU A 970 -38.89 -19.35 27.75
N GLY A 971 -38.02 -18.67 27.01
CA GLY A 971 -37.37 -19.26 25.86
C GLY A 971 -38.24 -19.19 24.61
N LEU A 972 -37.72 -19.79 23.54
CA LEU A 972 -38.44 -19.83 22.28
C LEU A 972 -39.70 -20.68 22.43
N VAL A 973 -40.75 -20.27 21.72
CA VAL A 973 -42.04 -20.96 21.80
C VAL A 973 -42.24 -21.83 20.58
N TYR A 974 -42.22 -21.21 19.39
CA TYR A 974 -42.43 -21.93 18.15
C TYR A 974 -41.57 -21.32 17.06
N ALA A 975 -40.70 -22.14 16.47
CA ALA A 975 -39.86 -21.73 15.35
C ALA A 975 -39.78 -22.82 14.29
N HIS A 976 -40.91 -23.46 13.98
CA HIS A 976 -40.94 -24.56 13.04
C HIS A 976 -41.59 -24.13 11.73
N GLU A 977 -41.23 -24.81 10.66
CA GLU A 977 -41.69 -24.44 9.32
C GLU A 977 -43.15 -24.82 9.11
N GLY A 978 -43.83 -24.02 8.28
CA GLY A 978 -45.15 -24.36 7.81
C GLY A 978 -46.28 -24.23 8.81
N ASN A 979 -46.03 -23.60 9.96
CA ASN A 979 -47.02 -23.42 11.03
C ASN A 979 -47.56 -24.76 11.54
N LYS A 980 -46.89 -25.86 11.23
CA LYS A 980 -47.34 -27.16 11.69
C LYS A 980 -47.08 -27.30 13.18
N GLY A 981 -48.07 -27.83 13.90
CA GLY A 981 -47.99 -27.93 15.35
C GLY A 981 -48.49 -26.71 16.08
N PHE A 982 -48.91 -25.66 15.37
CA PHE A 982 -49.41 -24.45 16.03
C PHE A 982 -50.68 -24.74 16.81
N ALA A 983 -51.57 -25.56 16.25
CA ALA A 983 -52.82 -25.90 16.94
C ALA A 983 -52.53 -26.67 18.23
N GLU A 984 -51.51 -27.54 18.21
CA GLU A 984 -51.14 -28.26 19.42
C GLU A 984 -50.68 -27.31 20.51
N LEU A 985 -49.85 -26.32 20.15
CA LEU A 985 -49.39 -25.34 21.13
C LEU A 985 -50.56 -24.50 21.64
N ALA A 986 -51.50 -24.16 20.76
CA ALA A 986 -52.69 -23.44 21.21
C ALA A 986 -53.49 -24.26 22.21
N ALA A 987 -53.61 -25.57 21.95
CA ALA A 987 -54.30 -26.45 22.88
C ALA A 987 -53.56 -26.54 24.21
N GLU A 988 -52.23 -26.52 24.17
CA GLU A 988 -51.44 -26.59 25.39
C GLU A 988 -51.55 -25.34 26.25
N GLY A 989 -52.13 -24.27 25.73
CA GLY A 989 -52.27 -23.05 26.51
C GLY A 989 -51.00 -22.25 26.65
N ALA A 990 -50.04 -22.41 25.73
CA ALA A 990 -48.80 -21.65 25.80
C ALA A 990 -49.03 -20.16 25.65
N TYR A 991 -50.16 -19.75 25.05
CA TYR A 991 -50.52 -18.35 24.91
C TYR A 991 -51.74 -18.02 25.76
N LYS A 992 -51.84 -18.64 26.94
CA LYS A 992 -53.00 -18.44 27.80
C LYS A 992 -53.13 -16.99 28.24
N THR A 993 -52.04 -16.44 28.78
CA THR A 993 -52.09 -15.07 29.32
C THR A 993 -52.35 -14.05 28.21
N PHE A 994 -51.68 -14.21 27.07
CA PHE A 994 -51.81 -13.28 25.95
C PHE A 994 -52.14 -14.07 24.69
N PRO A 995 -53.33 -13.88 24.12
CA PRO A 995 -53.69 -14.63 22.90
C PRO A 995 -52.76 -14.30 21.74
N ALA A 996 -52.53 -15.30 20.89
CA ALA A 996 -51.72 -15.16 19.70
C ALA A 996 -52.60 -15.23 18.46
N ASP A 997 -52.23 -14.46 17.44
CA ASP A 997 -53.02 -14.41 16.22
C ASP A 997 -53.04 -15.76 15.53
N ASN A 998 -54.23 -16.18 15.09
CA ASN A 998 -54.38 -17.50 14.50
C ASN A 998 -53.82 -17.58 13.09
N ASP A 999 -54.06 -16.55 12.27
CA ASP A 999 -53.67 -16.60 10.87
C ASP A 999 -52.23 -16.15 10.63
N GLY A 1000 -51.54 -15.65 11.65
CA GLY A 1000 -50.18 -15.18 11.47
C GLY A 1000 -50.05 -14.03 10.50
N ILE A 1001 -51.03 -13.13 10.46
CA ILE A 1001 -51.01 -11.98 9.58
C ILE A 1001 -51.28 -10.74 10.42
N LEU A 1002 -50.39 -9.77 10.35
CA LEU A 1002 -50.55 -8.56 11.14
C LEU A 1002 -50.86 -7.38 10.22
N PRO A 1003 -52.10 -6.88 10.21
CA PRO A 1003 -52.39 -5.68 9.44
C PRO A 1003 -51.77 -4.44 10.09
N LEU A 1004 -51.48 -3.45 9.24
CA LEU A 1004 -50.89 -2.20 9.70
C LEU A 1004 -51.54 -1.05 8.92
N MET A 1005 -52.53 -0.40 9.53
CA MET A 1005 -53.26 0.70 8.92
C MET A 1005 -53.27 1.89 9.87
N ASP A 1006 -53.95 2.95 9.44
CA ASP A 1006 -54.11 4.15 10.24
C ASP A 1006 -55.49 4.24 10.89
N ASP A 1007 -56.25 3.15 10.89
CA ASP A 1007 -57.59 3.13 11.46
C ASP A 1007 -57.74 1.88 12.32
N GLU A 1008 -58.69 1.94 13.26
CA GLU A 1008 -59.00 0.83 14.14
C GLU A 1008 -60.03 -0.11 13.56
N TRP A 1009 -60.15 -0.16 12.22
CA TRP A 1009 -61.16 -1.01 11.59
C TRP A 1009 -60.93 -2.47 11.91
N PHE A 1010 -59.68 -2.93 11.84
CA PHE A 1010 -59.38 -4.33 12.09
C PHE A 1010 -59.28 -4.60 13.58
N GLU A 1011 -59.94 -5.67 14.03
CA GLU A 1011 -59.92 -6.04 15.45
C GLU A 1011 -58.55 -6.48 15.93
N ASP A 1012 -57.68 -6.91 15.01
CA ASP A 1012 -56.32 -7.33 15.37
C ASP A 1012 -55.29 -6.27 15.02
N ASP A 1013 -55.64 -5.00 15.21
CA ASP A 1013 -54.69 -3.92 14.99
C ASP A 1013 -53.50 -4.07 15.92
N VAL A 1014 -52.31 -3.75 15.41
CA VAL A 1014 -51.09 -3.84 16.21
C VAL A 1014 -51.17 -2.90 17.40
N THR A 1015 -51.66 -1.67 17.17
CA THR A 1015 -51.71 -0.69 18.25
C THR A 1015 -52.61 -1.15 19.39
N SER A 1016 -53.79 -1.68 19.06
CA SER A 1016 -54.71 -2.12 20.10
C SER A 1016 -54.13 -3.29 20.88
N ARG A 1017 -53.49 -4.24 20.20
CA ARG A 1017 -52.87 -5.36 20.89
C ARG A 1017 -51.71 -4.89 21.78
N VAL A 1018 -50.95 -3.90 21.32
CA VAL A 1018 -49.88 -3.34 22.14
C VAL A 1018 -50.46 -2.70 23.40
N LYS A 1019 -51.54 -1.94 23.24
CA LYS A 1019 -52.19 -1.32 24.40
C LYS A 1019 -52.69 -2.38 25.37
N GLU A 1020 -53.30 -3.45 24.85
CA GLU A 1020 -53.76 -4.54 25.71
C GLU A 1020 -52.59 -5.19 26.45
N PHE A 1021 -51.49 -5.42 25.74
CA PHE A 1021 -50.31 -6.03 26.35
C PHE A 1021 -49.77 -5.16 27.47
N VAL A 1022 -49.67 -3.85 27.24
CA VAL A 1022 -49.17 -2.93 28.26
C VAL A 1022 -50.11 -2.91 29.46
N ARG A 1023 -51.43 -2.84 29.21
CA ARG A 1023 -52.37 -2.81 30.32
C ARG A 1023 -52.37 -4.12 31.10
N THR A 1024 -52.05 -5.24 30.44
CA THR A 1024 -51.97 -6.50 31.15
C THR A 1024 -50.71 -6.57 32.00
N VAL A 1025 -49.58 -6.12 31.46
CA VAL A 1025 -48.31 -6.23 32.18
C VAL A 1025 -48.29 -5.27 33.36
N TRP A 1026 -48.70 -4.01 33.16
CA TRP A 1026 -48.56 -2.98 34.17
C TRP A 1026 -49.89 -2.52 34.75
N GLY A 1027 -50.95 -3.30 34.58
CA GLY A 1027 -52.23 -2.92 35.13
C GLY A 1027 -52.92 -1.83 34.32
N GLU A 1028 -54.04 -1.37 34.86
CA GLU A 1028 -54.88 -0.38 34.19
C GLU A 1028 -54.85 0.99 34.83
N GLU A 1029 -54.56 1.07 36.14
CA GLU A 1029 -54.63 2.36 36.83
C GLU A 1029 -53.60 3.35 36.28
N HIS A 1030 -52.39 2.89 36.01
CA HIS A 1030 -51.31 3.76 35.54
C HIS A 1030 -51.09 3.67 34.04
N LEU A 1031 -52.11 3.25 33.29
CA LEU A 1031 -51.94 3.03 31.85
C LEU A 1031 -51.61 4.33 31.13
N GLN A 1032 -52.33 5.40 31.45
CA GLN A 1032 -52.18 6.65 30.70
C GLN A 1032 -50.79 7.24 30.88
N GLU A 1033 -50.30 7.29 32.12
CA GLU A 1033 -48.97 7.85 32.37
C GLU A 1033 -47.88 7.02 31.71
N ASN A 1034 -48.03 5.69 31.73
CA ASN A 1034 -47.07 4.84 31.05
C ASN A 1034 -47.06 5.10 29.55
N LEU A 1035 -48.25 5.26 28.96
CA LEU A 1035 -48.33 5.58 27.53
C LEU A 1035 -47.68 6.91 27.23
N GLU A 1036 -47.90 7.90 28.09
CA GLU A 1036 -47.27 9.21 27.90
C GLU A 1036 -45.76 9.09 27.96
N PHE A 1037 -45.25 8.33 28.93
CA PHE A 1037 -43.80 8.14 29.05
C PHE A 1037 -43.23 7.46 27.81
N ILE A 1038 -43.93 6.43 27.31
CA ILE A 1038 -43.46 5.73 26.12
C ILE A 1038 -43.45 6.65 24.91
N ALA A 1039 -44.51 7.45 24.76
CA ALA A 1039 -44.57 8.40 23.64
C ALA A 1039 -43.45 9.42 23.72
N GLU A 1040 -43.18 9.94 24.92
CA GLU A 1040 -42.07 10.87 25.10
C GLU A 1040 -40.74 10.22 24.73
N SER A 1041 -40.53 8.97 25.19
CA SER A 1041 -39.28 8.29 24.89
C SER A 1041 -39.11 8.08 23.39
N LEU A 1042 -40.19 7.70 22.70
CA LEU A 1042 -40.11 7.55 21.25
C LEU A 1042 -39.82 8.88 20.56
N CYS A 1043 -40.47 9.96 21.01
CA CYS A 1043 -40.24 11.27 20.41
C CYS A 1043 -38.85 11.82 20.71
N LEU A 1044 -38.17 11.29 21.74
CA LEU A 1044 -36.85 11.79 22.10
C LEU A 1044 -35.88 11.78 20.91
N TYR A 1045 -35.58 10.60 20.38
CA TYR A 1045 -34.54 10.51 19.36
C TYR A 1045 -34.99 9.72 18.13
N ALA A 1046 -35.94 8.80 18.31
CA ALA A 1046 -36.35 7.93 17.21
C ALA A 1046 -36.90 8.72 16.03
N ILE A 1047 -37.86 9.60 16.30
CA ILE A 1047 -38.46 10.44 15.26
C ILE A 1047 -38.62 11.86 15.81
N LYS A 1048 -38.78 12.81 14.89
CA LYS A 1048 -39.00 14.18 15.28
C LYS A 1048 -40.39 14.31 15.91
N PRO A 1049 -40.51 14.89 17.11
CA PRO A 1049 -41.81 15.02 17.75
C PRO A 1049 -42.77 15.87 16.92
N LYS A 1050 -44.04 15.50 16.96
CA LYS A 1050 -45.10 16.27 16.32
C LYS A 1050 -45.70 17.25 17.32
N LYS A 1051 -46.34 18.30 16.78
CA LYS A 1051 -46.86 19.37 17.63
C LYS A 1051 -47.95 18.85 18.56
N GLY A 1052 -49.05 18.36 18.01
CA GLY A 1052 -50.16 17.93 18.83
C GLY A 1052 -50.70 16.55 18.51
N GLU A 1053 -50.58 15.62 19.45
CA GLU A 1053 -51.11 14.27 19.32
C GLU A 1053 -51.01 13.59 20.66
N SER A 1054 -51.83 12.56 20.85
CA SER A 1054 -51.78 11.74 22.05
C SER A 1054 -50.76 10.62 21.84
N ALA A 1055 -50.67 9.71 22.82
CA ALA A 1055 -49.70 8.62 22.73
C ALA A 1055 -50.02 7.68 21.58
N LEU A 1056 -51.31 7.42 21.33
CA LEU A 1056 -51.70 6.46 20.32
C LEU A 1056 -51.24 6.88 18.93
N GLU A 1057 -51.40 8.17 18.60
CA GLU A 1057 -50.94 8.66 17.31
C GLU A 1057 -49.44 8.52 17.16
N THR A 1058 -48.69 8.82 18.22
CA THR A 1058 -47.24 8.67 18.15
C THR A 1058 -46.85 7.22 17.93
N ILE A 1059 -47.48 6.30 18.65
CA ILE A 1059 -47.17 4.88 18.49
C ILE A 1059 -47.49 4.43 17.07
N ARG A 1060 -48.65 4.83 16.55
CA ARG A 1060 -49.04 4.42 15.20
C ARG A 1060 -48.08 4.97 14.16
N ARG A 1061 -47.68 6.23 14.30
CA ARG A 1061 -46.75 6.83 13.35
C ARG A 1061 -45.40 6.13 13.40
N TYR A 1062 -44.90 5.84 14.61
CA TYR A 1062 -43.63 5.14 14.72
C TYR A 1062 -43.71 3.75 14.09
N LEU A 1063 -44.80 3.03 14.34
CA LEU A 1063 -44.95 1.69 13.76
C LEU A 1063 -45.02 1.75 12.25
N SER A 1064 -45.77 2.71 11.70
CA SER A 1064 -45.96 2.78 10.26
C SER A 1064 -44.79 3.42 9.53
N THR A 1065 -43.86 4.07 10.24
CA THR A 1065 -42.77 4.79 9.59
C THR A 1065 -41.41 4.20 9.88
N GLN A 1066 -41.05 4.04 11.16
CA GLN A 1066 -39.67 3.76 11.53
C GLN A 1066 -39.40 2.29 11.85
N PHE A 1067 -40.45 1.49 12.09
CA PHE A 1067 -40.23 0.15 12.63
C PHE A 1067 -39.45 -0.74 11.66
N TRP A 1068 -39.76 -0.66 10.37
CA TRP A 1068 -39.12 -1.56 9.41
C TRP A 1068 -37.62 -1.33 9.35
N LYS A 1069 -37.19 -0.06 9.35
CA LYS A 1069 -35.76 0.24 9.30
C LYS A 1069 -35.05 -0.28 10.54
N ASP A 1070 -35.65 -0.08 11.72
CA ASP A 1070 -35.04 -0.57 12.95
C ASP A 1070 -34.92 -2.09 12.94
N HIS A 1071 -35.97 -2.77 12.48
CA HIS A 1071 -35.92 -4.23 12.41
C HIS A 1071 -34.81 -4.71 11.46
N MET A 1072 -34.72 -4.08 10.28
CA MET A 1072 -33.69 -4.47 9.33
C MET A 1072 -32.30 -4.23 9.90
N LYS A 1073 -32.11 -3.08 10.56
CA LYS A 1073 -30.80 -2.79 11.13
C LYS A 1073 -30.45 -3.78 12.24
N MET A 1074 -31.42 -4.13 13.08
CA MET A 1074 -31.17 -5.07 14.15
C MET A 1074 -30.81 -6.46 13.62
N TYR A 1075 -31.53 -6.94 12.61
CA TYR A 1075 -31.30 -8.29 12.11
C TYR A 1075 -30.33 -8.34 10.94
N LYS A 1076 -29.72 -7.21 10.57
CA LYS A 1076 -28.65 -7.16 9.58
C LYS A 1076 -29.08 -7.76 8.24
N LYS A 1077 -30.13 -7.18 7.67
CA LYS A 1077 -30.55 -7.45 6.29
C LYS A 1077 -30.93 -8.92 6.08
N ARG A 1078 -31.36 -9.59 7.13
CA ARG A 1078 -31.94 -10.94 7.03
C ARG A 1078 -33.23 -10.97 7.83
N PRO A 1079 -34.26 -10.26 7.37
CA PRO A 1079 -35.47 -10.11 8.17
C PRO A 1079 -36.21 -11.42 8.37
N ILE A 1080 -36.90 -11.52 9.49
CA ILE A 1080 -37.79 -12.65 9.76
C ILE A 1080 -39.26 -12.26 9.60
N TYR A 1081 -39.58 -10.98 9.64
CA TYR A 1081 -40.93 -10.48 9.38
C TYR A 1081 -40.94 -9.86 7.99
N TRP A 1082 -41.80 -10.38 7.11
CA TRP A 1082 -41.87 -9.91 5.74
C TRP A 1082 -43.02 -8.94 5.58
N LEU A 1083 -42.73 -7.79 4.96
CA LEU A 1083 -43.71 -6.73 4.78
C LEU A 1083 -44.22 -6.76 3.35
N PHE A 1084 -45.54 -6.87 3.19
CA PHE A 1084 -46.20 -6.76 1.90
C PHE A 1084 -46.93 -5.43 1.85
N SER A 1085 -46.51 -4.55 0.96
CA SER A 1085 -47.02 -3.19 0.87
C SER A 1085 -47.69 -2.99 -0.48
N SER A 1086 -48.91 -2.45 -0.47
CA SER A 1086 -49.62 -2.18 -1.71
C SER A 1086 -48.88 -1.15 -2.55
N GLY A 1087 -48.34 -0.12 -1.93
CA GLY A 1087 -47.62 0.91 -2.65
C GLY A 1087 -46.94 1.87 -1.69
N LYS A 1088 -46.38 2.93 -2.27
CA LYS A 1088 -45.75 3.96 -1.45
C LYS A 1088 -46.78 4.62 -0.53
N GLU A 1089 -47.98 4.86 -1.03
CA GLU A 1089 -49.08 5.30 -0.17
C GLU A 1089 -49.51 4.17 0.74
N LYS A 1090 -49.94 4.55 1.95
CA LYS A 1090 -50.30 3.57 2.98
C LYS A 1090 -51.71 3.03 2.73
N ALA A 1091 -51.92 2.49 1.53
CA ALA A 1091 -53.21 1.90 1.20
C ALA A 1091 -53.41 0.56 1.91
N PHE A 1092 -52.39 -0.30 1.89
CA PHE A 1092 -52.47 -1.60 2.52
C PHE A 1092 -51.07 -2.13 2.74
N GLU A 1093 -50.72 -2.40 4.00
CA GLU A 1093 -49.43 -2.97 4.36
C GLU A 1093 -49.63 -4.00 5.46
N CYS A 1094 -49.03 -5.17 5.30
CA CYS A 1094 -49.20 -6.26 6.26
C CYS A 1094 -47.86 -6.91 6.55
N LEU A 1095 -47.77 -7.54 7.71
CA LEU A 1095 -46.57 -8.24 8.16
C LEU A 1095 -46.87 -9.73 8.31
N VAL A 1096 -45.91 -10.55 7.89
CA VAL A 1096 -46.05 -12.00 7.90
C VAL A 1096 -44.84 -12.62 8.60
N TYR A 1097 -45.09 -13.57 9.49
CA TYR A 1097 -44.02 -14.36 10.08
C TYR A 1097 -43.51 -15.37 9.06
N LEU A 1098 -42.19 -15.50 8.96
CA LEU A 1098 -41.61 -16.36 7.93
C LEU A 1098 -41.90 -17.83 8.20
N HIS A 1099 -41.69 -18.28 9.44
CA HIS A 1099 -41.82 -19.71 9.74
C HIS A 1099 -43.25 -20.19 9.56
N ARG A 1100 -44.23 -19.42 10.03
CA ARG A 1100 -45.62 -19.84 9.95
C ARG A 1100 -46.17 -19.82 8.53
N TYR A 1101 -45.45 -19.23 7.58
CA TYR A 1101 -45.94 -19.12 6.21
C TYR A 1101 -46.07 -20.49 5.56
N ASN A 1102 -47.04 -20.61 4.65
CA ASN A 1102 -47.22 -21.80 3.84
C ASN A 1102 -47.96 -21.40 2.57
N ASP A 1103 -48.36 -22.39 1.77
CA ASP A 1103 -49.01 -22.11 0.50
C ASP A 1103 -50.35 -21.43 0.69
N ALA A 1104 -51.14 -21.89 1.66
CA ALA A 1104 -52.48 -21.36 1.86
C ALA A 1104 -52.50 -19.95 2.41
N THR A 1105 -51.35 -19.42 2.84
CA THR A 1105 -51.33 -18.10 3.46
C THR A 1105 -51.76 -17.00 2.50
N LEU A 1106 -51.30 -17.07 1.24
CA LEU A 1106 -51.53 -15.98 0.31
C LEU A 1106 -53.01 -15.83 -0.03
N SER A 1107 -53.66 -16.93 -0.41
CA SER A 1107 -55.06 -16.87 -0.80
C SER A 1107 -55.94 -16.48 0.37
N ARG A 1108 -55.65 -17.04 1.56
CA ARG A 1108 -56.42 -16.69 2.74
C ARG A 1108 -56.28 -15.21 3.07
N MET A 1109 -55.05 -14.69 3.02
CA MET A 1109 -54.83 -13.26 3.28
C MET A 1109 -55.60 -12.42 2.28
N ARG A 1110 -55.49 -12.74 0.99
CA ARG A 1110 -56.20 -11.97 -0.02
C ARG A 1110 -57.70 -11.94 0.25
N THR A 1111 -58.29 -13.12 0.42
CA THR A 1111 -59.74 -13.21 0.61
C THR A 1111 -60.18 -12.50 1.88
N GLU A 1112 -59.46 -12.69 2.98
CA GLU A 1112 -59.90 -12.16 4.26
C GLU A 1112 -59.59 -10.69 4.45
N TYR A 1113 -58.71 -10.10 3.64
CA TYR A 1113 -58.35 -8.70 3.83
C TYR A 1113 -58.73 -7.80 2.67
N VAL A 1114 -58.33 -8.15 1.45
CA VAL A 1114 -58.46 -7.22 0.34
C VAL A 1114 -59.92 -6.94 0.02
N VAL A 1115 -60.72 -8.01 -0.12
CA VAL A 1115 -62.12 -7.84 -0.51
C VAL A 1115 -62.91 -7.04 0.52
N PRO A 1116 -62.86 -7.35 1.82
CA PRO A 1116 -63.54 -6.48 2.78
C PRO A 1116 -63.02 -5.05 2.78
N LEU A 1117 -61.71 -4.87 2.60
CA LEU A 1117 -61.17 -3.53 2.51
C LEU A 1117 -61.67 -2.82 1.26
N LEU A 1118 -61.76 -3.54 0.14
CA LEU A 1118 -62.32 -2.95 -1.08
C LEU A 1118 -63.76 -2.52 -0.85
N ALA A 1119 -64.56 -3.37 -0.19
CA ALA A 1119 -65.95 -3.01 0.06
C ALA A 1119 -66.06 -1.79 0.97
N ARG A 1120 -65.23 -1.73 2.01
CA ARG A 1120 -65.24 -0.59 2.91
C ARG A 1120 -64.85 0.69 2.18
N TYR A 1121 -63.80 0.62 1.35
CA TYR A 1121 -63.37 1.79 0.59
C TYR A 1121 -64.46 2.24 -0.38
N GLN A 1122 -65.12 1.29 -1.03
CA GLN A 1122 -66.19 1.64 -1.96
C GLN A 1122 -67.35 2.32 -1.24
N ALA A 1123 -67.73 1.78 -0.08
CA ALA A 1123 -68.82 2.38 0.69
C ALA A 1123 -68.44 3.78 1.16
N ASN A 1124 -67.20 3.96 1.62
CA ASN A 1124 -66.76 5.29 2.05
C ASN A 1124 -66.75 6.27 0.89
N ILE A 1125 -66.29 5.83 -0.29
CA ILE A 1125 -66.27 6.69 -1.47
C ILE A 1125 -67.70 7.08 -1.86
N ASP A 1126 -68.62 6.12 -1.83
CA ASP A 1126 -70.01 6.43 -2.17
C ASP A 1126 -70.60 7.42 -1.19
N ARG A 1127 -70.33 7.24 0.11
CA ARG A 1127 -70.84 8.18 1.11
C ARG A 1127 -70.25 9.57 0.90
N LEU A 1128 -68.95 9.65 0.62
CA LEU A 1128 -68.33 10.96 0.39
C LEU A 1128 -68.91 11.64 -0.84
N ASN A 1129 -69.12 10.88 -1.92
CA ASN A 1129 -69.72 11.44 -3.12
C ASN A 1129 -71.14 11.92 -2.86
N ASP A 1130 -71.89 11.16 -2.07
CA ASP A 1130 -73.24 11.59 -1.70
C ASP A 1130 -73.21 12.89 -0.90
N GLN A 1131 -72.26 13.02 0.02
CA GLN A 1131 -72.18 14.21 0.86
C GLN A 1131 -71.58 15.41 0.14
N LEU A 1132 -70.86 15.19 -0.95
CA LEU A 1132 -70.21 16.31 -1.64
C LEU A 1132 -71.23 17.30 -2.18
N ASP A 1133 -72.32 16.81 -2.75
CA ASP A 1133 -73.35 17.72 -3.25
C ASP A 1133 -74.01 18.49 -2.11
N GLU A 1134 -74.16 17.85 -0.94
CA GLU A 1134 -74.70 18.54 0.22
C GLU A 1134 -73.76 19.65 0.69
N ALA A 1135 -72.46 19.38 0.71
CA ALA A 1135 -71.48 20.36 1.15
C ALA A 1135 -71.21 21.39 0.05
N SER A 1136 -70.69 22.54 0.45
CA SER A 1136 -70.38 23.61 -0.47
C SER A 1136 -69.26 24.46 0.08
N GLY A 1137 -68.60 25.20 -0.80
CA GLY A 1137 -67.52 26.08 -0.39
C GLY A 1137 -66.30 25.32 0.07
N GLY A 1138 -65.50 26.00 0.90
CA GLY A 1138 -64.28 25.40 1.41
C GLY A 1138 -64.54 24.14 2.21
N GLU A 1139 -65.67 24.11 2.93
CA GLU A 1139 -66.08 22.90 3.64
C GLU A 1139 -66.09 21.69 2.70
N ALA A 1140 -66.58 21.88 1.48
CA ALA A 1140 -66.58 20.79 0.51
C ALA A 1140 -65.19 20.52 -0.05
N THR A 1141 -64.35 21.55 -0.17
CA THR A 1141 -63.06 21.40 -0.85
C THR A 1141 -62.20 20.35 -0.16
N ARG A 1142 -62.00 20.50 1.16
CA ARG A 1142 -61.22 19.52 1.89
C ARG A 1142 -61.88 18.15 1.89
N LEU A 1143 -63.20 18.09 1.67
CA LEU A 1143 -63.87 16.82 1.53
C LEU A 1143 -63.61 16.17 0.18
N LYS A 1144 -63.34 16.98 -0.86
CA LYS A 1144 -63.13 16.44 -2.18
C LYS A 1144 -61.71 15.91 -2.36
N ARG A 1145 -60.71 16.74 -2.05
CA ARG A 1145 -59.32 16.40 -2.34
C ARG A 1145 -58.93 15.07 -1.70
N GLU A 1146 -59.17 14.93 -0.39
CA GLU A 1146 -58.86 13.67 0.28
C GLU A 1146 -59.56 12.51 -0.41
N ARG A 1147 -60.83 12.71 -0.79
CA ARG A 1147 -61.56 11.67 -1.52
C ARG A 1147 -60.76 11.18 -2.71
N ASP A 1148 -60.22 12.10 -3.50
CA ASP A 1148 -59.41 11.71 -4.64
C ASP A 1148 -58.27 10.81 -4.20
N SER A 1149 -57.49 11.27 -3.20
CA SER A 1149 -56.42 10.45 -2.67
C SER A 1149 -56.95 9.08 -2.27
N LEU A 1150 -58.08 9.07 -1.56
CA LEU A 1150 -58.67 7.80 -1.14
C LEU A 1150 -58.91 6.90 -2.34
N ILE A 1151 -59.61 7.42 -3.37
CA ILE A 1151 -59.90 6.56 -4.51
C ILE A 1151 -58.59 6.21 -5.21
N LYS A 1152 -57.62 7.13 -5.19
CA LYS A 1152 -56.29 6.81 -5.70
C LYS A 1152 -55.74 5.58 -4.98
N LYS A 1153 -55.76 5.60 -3.65
CA LYS A 1153 -55.38 4.42 -2.89
C LYS A 1153 -56.21 3.22 -3.35
N PHE A 1154 -57.52 3.42 -3.47
CA PHE A 1154 -58.39 2.37 -3.97
C PHE A 1154 -57.87 1.83 -5.28
N SER A 1155 -57.58 2.72 -6.24
CA SER A 1155 -57.03 2.29 -7.51
C SER A 1155 -55.76 1.47 -7.28
N GLU A 1156 -54.84 2.02 -6.48
CA GLU A 1156 -53.61 1.30 -6.18
C GLU A 1156 -53.93 -0.07 -5.61
N LEU A 1157 -54.87 -0.13 -4.66
CA LEU A 1157 -55.25 -1.40 -4.06
C LEU A 1157 -55.67 -2.38 -5.14
N ARG A 1158 -56.52 -1.92 -6.08
CA ARG A 1158 -56.95 -2.78 -7.18
C ARG A 1158 -55.74 -3.35 -7.90
N SER A 1159 -54.78 -2.49 -8.25
CA SER A 1159 -53.58 -2.96 -8.92
C SER A 1159 -52.89 -4.03 -8.09
N TYR A 1160 -52.73 -3.76 -6.79
CA TYR A 1160 -52.10 -4.76 -5.91
C TYR A 1160 -52.92 -6.05 -5.93
N ASP A 1161 -54.25 -5.92 -5.85
CA ASP A 1161 -55.11 -7.09 -5.95
C ASP A 1161 -54.79 -7.86 -7.22
N ASP A 1162 -54.67 -7.15 -8.35
CA ASP A 1162 -54.33 -7.81 -9.60
C ASP A 1162 -53.03 -8.58 -9.46
N ARG A 1163 -52.00 -7.94 -8.90
CA ARG A 1163 -50.75 -8.64 -8.64
C ARG A 1163 -50.98 -9.83 -7.73
N LEU A 1164 -51.74 -9.62 -6.65
CA LEU A 1164 -52.10 -10.74 -5.78
C LEU A 1164 -52.81 -11.83 -6.58
N ARG A 1165 -53.71 -11.42 -7.49
CA ARG A 1165 -54.40 -12.39 -8.33
C ARG A 1165 -53.41 -13.29 -9.05
N HIS A 1166 -52.35 -12.68 -9.61
CA HIS A 1166 -51.32 -13.48 -10.27
C HIS A 1166 -50.74 -14.52 -9.32
N TYR A 1167 -50.33 -14.08 -8.13
CA TYR A 1167 -49.81 -15.01 -7.15
C TYR A 1167 -50.91 -15.82 -6.49
N ALA A 1168 -52.17 -15.44 -6.68
CA ALA A 1168 -53.26 -16.33 -6.30
C ALA A 1168 -53.39 -17.49 -7.29
N ASP A 1169 -52.91 -17.29 -8.53
CA ASP A 1169 -53.00 -18.36 -9.53
C ASP A 1169 -52.03 -19.49 -9.23
N MET A 1170 -50.80 -19.14 -8.85
CA MET A 1170 -49.74 -20.13 -8.63
C MET A 1170 -49.54 -20.36 -7.14
N ARG A 1171 -49.20 -21.59 -6.79
CA ARG A 1171 -48.94 -21.97 -5.40
C ARG A 1171 -47.44 -22.10 -5.21
N ILE A 1172 -46.91 -21.41 -4.21
CA ILE A 1172 -45.47 -21.33 -3.97
C ILE A 1172 -45.15 -22.00 -2.64
N SER A 1173 -44.20 -22.93 -2.67
CA SER A 1173 -43.69 -23.57 -1.46
C SER A 1173 -42.17 -23.52 -1.50
N ILE A 1174 -41.56 -23.05 -0.41
CA ILE A 1174 -40.13 -22.84 -0.34
C ILE A 1174 -39.59 -23.51 0.92
N ASP A 1175 -38.26 -23.52 1.02
CA ASP A 1175 -37.57 -24.09 2.18
C ASP A 1175 -36.62 -23.06 2.76
N LEU A 1176 -36.41 -23.14 4.08
CA LEU A 1176 -35.47 -22.24 4.74
C LEU A 1176 -34.06 -22.47 4.25
N ASP A 1177 -33.69 -23.73 4.02
CA ASP A 1177 -32.32 -24.07 3.61
C ASP A 1177 -31.95 -23.45 2.27
N ASP A 1178 -32.94 -23.05 1.47
CA ASP A 1178 -32.63 -22.40 0.20
C ASP A 1178 -31.90 -21.09 0.41
N GLY A 1179 -32.27 -20.35 1.45
CA GLY A 1179 -31.61 -19.07 1.73
C GLY A 1179 -32.62 -17.94 1.66
N VAL A 1180 -32.65 -17.14 2.73
CA VAL A 1180 -33.57 -16.02 2.79
C VAL A 1180 -33.29 -15.03 1.66
N LYS A 1181 -32.01 -14.73 1.43
CA LYS A 1181 -31.64 -13.88 0.31
C LYS A 1181 -32.10 -14.48 -1.01
N VAL A 1182 -32.01 -15.81 -1.14
CA VAL A 1182 -32.45 -16.48 -2.36
C VAL A 1182 -33.97 -16.42 -2.49
N ASN A 1183 -34.69 -16.73 -1.41
CA ASN A 1183 -36.14 -16.84 -1.47
C ASN A 1183 -36.85 -15.49 -1.51
N TYR A 1184 -36.17 -14.41 -1.12
CA TYR A 1184 -36.85 -13.11 -1.03
C TYR A 1184 -37.28 -12.59 -2.39
N GLY A 1185 -36.60 -13.01 -3.46
CA GLY A 1185 -36.90 -12.54 -4.79
C GLY A 1185 -37.96 -13.32 -5.54
N LYS A 1186 -38.64 -14.25 -4.88
CA LYS A 1186 -39.61 -15.11 -5.55
C LYS A 1186 -41.00 -14.53 -5.62
N PHE A 1187 -41.21 -13.30 -5.12
CA PHE A 1187 -42.54 -12.71 -5.06
C PHE A 1187 -42.63 -11.39 -5.82
N GLY A 1188 -41.69 -11.12 -6.72
CA GLY A 1188 -41.79 -9.94 -7.55
C GLY A 1188 -41.74 -8.66 -6.73
N ASP A 1189 -42.75 -7.81 -6.93
CA ASP A 1189 -42.82 -6.51 -6.26
C ASP A 1189 -43.76 -6.52 -5.07
N LEU A 1190 -44.20 -7.70 -4.61
CA LEU A 1190 -45.08 -7.77 -3.44
C LEU A 1190 -44.39 -7.32 -2.16
N LEU A 1191 -43.07 -7.20 -2.16
CA LEU A 1191 -42.32 -6.79 -0.98
C LEU A 1191 -41.74 -5.40 -1.20
N ALA A 1192 -41.09 -4.89 -0.16
CA ALA A 1192 -40.47 -3.57 -0.20
C ALA A 1192 -38.97 -3.70 0.05
N ASP A 1193 -38.21 -2.80 -0.58
CA ASP A 1193 -36.75 -2.81 -0.50
C ASP A 1193 -36.17 -4.15 -0.91
N VAL A 1194 -36.73 -4.73 -1.98
CA VAL A 1194 -36.27 -6.03 -2.46
C VAL A 1194 -34.83 -5.94 -2.96
N LYS A 1195 -34.47 -4.81 -3.57
CA LYS A 1195 -33.10 -4.63 -4.03
C LYS A 1195 -32.12 -4.59 -2.87
N ALA A 1196 -32.52 -3.98 -1.75
CA ALA A 1196 -31.64 -3.88 -0.60
C ALA A 1196 -31.29 -5.26 -0.05
N ILE A 1197 -32.27 -6.16 0.01
CA ILE A 1197 -32.03 -7.48 0.57
C ILE A 1197 -31.39 -8.40 -0.46
N THR A 1198 -32.07 -8.61 -1.60
CA THR A 1198 -31.57 -9.53 -2.60
C THR A 1198 -30.32 -9.02 -3.31
N GLY A 1199 -30.00 -7.73 -3.18
CA GLY A 1199 -28.84 -7.17 -3.83
C GLY A 1199 -29.05 -6.77 -5.28
N ASN A 1200 -30.24 -6.96 -5.83
CA ASN A 1200 -30.52 -6.62 -7.22
C ASN A 1200 -31.99 -6.28 -7.36
N ALA A 1201 -32.31 -5.55 -8.42
CA ALA A 1201 -33.68 -5.13 -8.66
C ALA A 1201 -34.57 -6.34 -8.93
N PRO A 1202 -35.73 -6.44 -8.30
CA PRO A 1202 -36.60 -7.59 -8.53
C PRO A 1202 -37.25 -7.54 -9.91
N GLU A 1203 -37.69 -8.70 -10.37
CA GLU A 1203 -38.37 -8.81 -11.64
C GLU A 1203 -39.84 -8.41 -11.51
N ALA A 1204 -40.53 -8.38 -12.65
CA ALA A 1204 -41.94 -8.04 -12.70
C ALA A 1204 -42.69 -9.08 -13.53
N ILE A 1205 -43.92 -9.36 -13.14
CA ILE A 1205 -44.74 -10.34 -13.82
C ILE A 1205 -45.17 -9.80 -15.19
#